data_2R22
# 
_entry.id   2R22 
# 
_audit_conform.dict_name       mmcif_pdbx.dic 
_audit_conform.dict_version    5.387 
_audit_conform.dict_location   http://mmcif.pdb.org/dictionaries/ascii/mmcif_pdbx.dic 
# 
loop_
_database_2.database_id 
_database_2.database_code 
_database_2.pdbx_database_accession 
_database_2.pdbx_DOI 
PDB   2R22         pdb_00002r22 10.2210/pdb2r22/pdb 
NDB   AR0084       ?            ?                   
RCSB  RCSB044327   ?            ?                   
WWPDB D_1000044327 ?            ?                   
# 
loop_
_pdbx_audit_revision_history.ordinal 
_pdbx_audit_revision_history.data_content_type 
_pdbx_audit_revision_history.major_revision 
_pdbx_audit_revision_history.minor_revision 
_pdbx_audit_revision_history.revision_date 
1 'Structure model' 1 0 2007-09-25 
2 'Structure model' 1 1 2011-07-13 
3 'Structure model' 1 2 2024-02-21 
# 
_pdbx_audit_revision_details.ordinal             1 
_pdbx_audit_revision_details.revision_ordinal    1 
_pdbx_audit_revision_details.data_content_type   'Structure model' 
_pdbx_audit_revision_details.provider            repository 
_pdbx_audit_revision_details.type                'Initial release' 
_pdbx_audit_revision_details.description         ? 
_pdbx_audit_revision_details.details             ? 
# 
loop_
_pdbx_audit_revision_group.ordinal 
_pdbx_audit_revision_group.revision_ordinal 
_pdbx_audit_revision_group.data_content_type 
_pdbx_audit_revision_group.group 
1 2 'Structure model' 'Version format compliance' 
2 3 'Structure model' 'Data collection'           
3 3 'Structure model' 'Database references'       
4 3 'Structure model' 'Derived calculations'      
# 
loop_
_pdbx_audit_revision_category.ordinal 
_pdbx_audit_revision_category.revision_ordinal 
_pdbx_audit_revision_category.data_content_type 
_pdbx_audit_revision_category.category 
1 3 'Structure model' chem_comp_atom         
2 3 'Structure model' chem_comp_bond         
3 3 'Structure model' database_2             
4 3 'Structure model' pdbx_struct_conn_angle 
5 3 'Structure model' struct_conn            
# 
loop_
_pdbx_audit_revision_item.ordinal 
_pdbx_audit_revision_item.revision_ordinal 
_pdbx_audit_revision_item.data_content_type 
_pdbx_audit_revision_item.item 
1  3 'Structure model' '_database_2.pdbx_DOI'                        
2  3 'Structure model' '_database_2.pdbx_database_accession'         
3  3 'Structure model' '_pdbx_struct_conn_angle.ptnr1_auth_asym_id'  
4  3 'Structure model' '_pdbx_struct_conn_angle.ptnr1_auth_comp_id'  
5  3 'Structure model' '_pdbx_struct_conn_angle.ptnr1_auth_seq_id'   
6  3 'Structure model' '_pdbx_struct_conn_angle.ptnr1_label_asym_id' 
7  3 'Structure model' '_pdbx_struct_conn_angle.ptnr1_label_atom_id' 
8  3 'Structure model' '_pdbx_struct_conn_angle.ptnr1_label_comp_id' 
9  3 'Structure model' '_pdbx_struct_conn_angle.ptnr1_label_seq_id'  
10 3 'Structure model' '_pdbx_struct_conn_angle.ptnr2_auth_asym_id'  
11 3 'Structure model' '_pdbx_struct_conn_angle.ptnr2_auth_comp_id'  
12 3 'Structure model' '_pdbx_struct_conn_angle.ptnr2_auth_seq_id'   
13 3 'Structure model' '_pdbx_struct_conn_angle.ptnr2_label_asym_id' 
14 3 'Structure model' '_pdbx_struct_conn_angle.ptnr2_label_atom_id' 
15 3 'Structure model' '_pdbx_struct_conn_angle.ptnr2_label_comp_id' 
16 3 'Structure model' '_pdbx_struct_conn_angle.ptnr3_auth_asym_id'  
17 3 'Structure model' '_pdbx_struct_conn_angle.ptnr3_auth_comp_id'  
18 3 'Structure model' '_pdbx_struct_conn_angle.ptnr3_auth_seq_id'   
19 3 'Structure model' '_pdbx_struct_conn_angle.ptnr3_label_asym_id' 
20 3 'Structure model' '_pdbx_struct_conn_angle.ptnr3_label_atom_id' 
21 3 'Structure model' '_pdbx_struct_conn_angle.ptnr3_label_comp_id' 
22 3 'Structure model' '_pdbx_struct_conn_angle.ptnr3_label_seq_id'  
23 3 'Structure model' '_pdbx_struct_conn_angle.value'               
24 3 'Structure model' '_struct_conn.pdbx_dist_value'                
25 3 'Structure model' '_struct_conn.ptnr1_auth_asym_id'             
26 3 'Structure model' '_struct_conn.ptnr1_auth_comp_id'             
27 3 'Structure model' '_struct_conn.ptnr1_auth_seq_id'              
28 3 'Structure model' '_struct_conn.ptnr1_label_asym_id'            
29 3 'Structure model' '_struct_conn.ptnr1_label_atom_id'            
30 3 'Structure model' '_struct_conn.ptnr1_label_comp_id'            
31 3 'Structure model' '_struct_conn.ptnr1_label_seq_id'             
32 3 'Structure model' '_struct_conn.ptnr2_auth_asym_id'             
33 3 'Structure model' '_struct_conn.ptnr2_auth_comp_id'             
34 3 'Structure model' '_struct_conn.ptnr2_auth_seq_id'              
35 3 'Structure model' '_struct_conn.ptnr2_label_asym_id'            
36 3 'Structure model' '_struct_conn.ptnr2_label_atom_id'            
37 3 'Structure model' '_struct_conn.ptnr2_label_comp_id'            
38 3 'Structure model' '_struct_conn.ptnr2_label_seq_id'             
# 
_pdbx_database_status.entry_id                        2R22 
_pdbx_database_status.deposit_site                    RCSB 
_pdbx_database_status.process_site                    RCSB 
_pdbx_database_status.recvd_initial_deposition_date   2007-08-24 
_pdbx_database_status.status_code                     REL 
_pdbx_database_status.status_code_sf                  REL 
_pdbx_database_status.status_code_mr                  ? 
_pdbx_database_status.SG_entry                        ? 
_pdbx_database_status.pdb_format_compatible           Y 
_pdbx_database_status.status_code_cs                  ? 
_pdbx_database_status.status_code_nmr_data            ? 
_pdbx_database_status.methods_development_category    ? 
# 
loop_
_pdbx_database_related.db_name 
_pdbx_database_related.db_id 
_pdbx_database_related.details 
_pdbx_database_related.content_type 
PDB 2R1S 'brominated tridecamer r(GCGUU-BrU-GAAACGC), 3mM MnCl2, 2 mM MgCl2, resolution 1.4 A' unspecified 
PDB 2R20 'brominated tridecamer r(GCGUU-BrU-GAAACGC), 5mM MnCl2, 5mM MgCl2, resolution 1.3 A'  unspecified 
PDB 2R21 'brominated tridecamer r(GCGUU-BrU-GAAACGC), 0.5 mM MnCl2, resolution 1.6 A'          unspecified 
# 
loop_
_audit_author.name 
_audit_author.pdbx_ordinal 
'Timsit, Y.'  1 
'Bombard, S.' 2 
# 
_citation.id                        primary 
_citation.title                     'The 1.3 A structure of the tridecamer r(GCGUUUGAAACGC)' 
_citation.journal_abbrev            'TO BE PUBLISHED' 
_citation.journal_volume            ? 
_citation.page_first                ? 
_citation.page_last                 ? 
_citation.year                      ? 
_citation.journal_id_ASTM           ? 
_citation.country                   ? 
_citation.journal_id_ISSN           ? 
_citation.journal_id_CSD            0353 
_citation.book_publisher            ? 
_citation.pdbx_database_id_PubMed   ? 
_citation.pdbx_database_id_DOI      ? 
# 
loop_
_citation_author.citation_id 
_citation_author.name 
_citation_author.ordinal 
_citation_author.identifier_ORCID 
primary 'Timsit, Y.'  1 ? 
primary 'Bombard, S.' 2 ? 
# 
loop_
_entity.id 
_entity.type 
_entity.src_method 
_entity.pdbx_description 
_entity.formula_weight 
_entity.pdbx_number_of_molecules 
_entity.pdbx_ec 
_entity.pdbx_mutation 
_entity.pdbx_fragment 
_entity.details 
1 polymer     syn 
;RNA (5'-R(*GP*CP*GP*UP*UP*UP*GP*AP*AP*AP*CP*GP*C)-3')
;
4157.525 2   ? ? ? ? 
2 non-polymer syn 'SODIUM ION'                                            22.990   4   ? ? ? ? 
3 non-polymer syn 'MANGANESE (II) ION'                                    54.938   1   ? ? ? ? 
4 water       nat water                                                   18.015   145 ? ? ? ? 
# 
_entity_poly.entity_id                      1 
_entity_poly.type                           polyribonucleotide 
_entity_poly.nstd_linkage                   no 
_entity_poly.nstd_monomer                   no 
_entity_poly.pdbx_seq_one_letter_code       GCGUUUGAAACGC 
_entity_poly.pdbx_seq_one_letter_code_can   GCGUUUGAAACGC 
_entity_poly.pdbx_strand_id                 A,B 
_entity_poly.pdbx_target_identifier         ? 
# 
loop_
_pdbx_entity_nonpoly.entity_id 
_pdbx_entity_nonpoly.name 
_pdbx_entity_nonpoly.comp_id 
2 'SODIUM ION'         NA  
3 'MANGANESE (II) ION' MN  
4 water                HOH 
# 
loop_
_entity_poly_seq.entity_id 
_entity_poly_seq.num 
_entity_poly_seq.mon_id 
_entity_poly_seq.hetero 
1 1  G n 
1 2  C n 
1 3  G n 
1 4  U n 
1 5  U n 
1 6  U n 
1 7  G n 
1 8  A n 
1 9  A n 
1 10 A n 
1 11 C n 
1 12 G n 
1 13 C n 
# 
loop_
_chem_comp.id 
_chem_comp.type 
_chem_comp.mon_nstd_flag 
_chem_comp.name 
_chem_comp.pdbx_synonyms 
_chem_comp.formula 
_chem_comp.formula_weight 
A   'RNA linking' y "ADENOSINE-5'-MONOPHOSPHATE" ? 'C10 H14 N5 O7 P' 347.221 
C   'RNA linking' y "CYTIDINE-5'-MONOPHOSPHATE"  ? 'C9 H14 N3 O8 P'  323.197 
G   'RNA linking' y "GUANOSINE-5'-MONOPHOSPHATE" ? 'C10 H14 N5 O8 P' 363.221 
HOH non-polymer   . WATER                        ? 'H2 O'            18.015  
MN  non-polymer   . 'MANGANESE (II) ION'         ? 'Mn 2'            54.938  
NA  non-polymer   . 'SODIUM ION'                 ? 'Na 1'            22.990  
U   'RNA linking' y "URIDINE-5'-MONOPHOSPHATE"   ? 'C9 H13 N2 O9 P'  324.181 
# 
loop_
_pdbx_poly_seq_scheme.asym_id 
_pdbx_poly_seq_scheme.entity_id 
_pdbx_poly_seq_scheme.seq_id 
_pdbx_poly_seq_scheme.mon_id 
_pdbx_poly_seq_scheme.ndb_seq_num 
_pdbx_poly_seq_scheme.pdb_seq_num 
_pdbx_poly_seq_scheme.auth_seq_num 
_pdbx_poly_seq_scheme.pdb_mon_id 
_pdbx_poly_seq_scheme.auth_mon_id 
_pdbx_poly_seq_scheme.pdb_strand_id 
_pdbx_poly_seq_scheme.pdb_ins_code 
_pdbx_poly_seq_scheme.hetero 
A 1 1  G 1  1  1  G G A . n 
A 1 2  C 2  2  2  C C A . n 
A 1 3  G 3  3  3  G G A . n 
A 1 4  U 4  4  4  U U A . n 
A 1 5  U 5  5  5  U U A . n 
A 1 6  U 6  6  6  U U A . n 
A 1 7  G 7  7  7  G G A . n 
A 1 8  A 8  8  8  A A A . n 
A 1 9  A 9  9  9  A A A . n 
A 1 10 A 10 10 10 A A A . n 
A 1 11 C 11 11 11 C C A . n 
A 1 12 G 12 12 12 G G A . n 
A 1 13 C 13 13 13 C C A . n 
B 1 1  G 1  14 14 G G B . n 
B 1 2  C 2  15 15 C C B . n 
B 1 3  G 3  16 16 G G B . n 
B 1 4  U 4  17 17 U U B . n 
B 1 5  U 5  18 18 U U B . n 
B 1 6  U 6  19 19 U U B . n 
B 1 7  G 7  20 20 G G B . n 
B 1 8  A 8  21 21 A A B . n 
B 1 9  A 9  22 22 A A B . n 
B 1 10 A 10 23 23 A A B . n 
B 1 11 C 11 24 24 C C B . n 
B 1 12 G 12 25 25 G G B . n 
B 1 13 C 13 26 26 C C B . n 
# 
loop_
_pdbx_nonpoly_scheme.asym_id 
_pdbx_nonpoly_scheme.entity_id 
_pdbx_nonpoly_scheme.mon_id 
_pdbx_nonpoly_scheme.ndb_seq_num 
_pdbx_nonpoly_scheme.pdb_seq_num 
_pdbx_nonpoly_scheme.auth_seq_num 
_pdbx_nonpoly_scheme.pdb_mon_id 
_pdbx_nonpoly_scheme.auth_mon_id 
_pdbx_nonpoly_scheme.pdb_strand_id 
_pdbx_nonpoly_scheme.pdb_ins_code 
C 2 NA  1  14  2   NA  NA  A . 
D 2 NA  1  15  3   NA  NA  A . 
E 2 NA  1  16  5   NA  NA  A . 
F 3 MN  1  17  6   MN  MN  A . 
G 2 NA  1  1   1   NA  NA  B . 
H 4 HOH 1  18  1   HOH HOH A . 
H 4 HOH 2  19  2   HOH HOH A . 
H 4 HOH 3  20  7   HOH HOH A . 
H 4 HOH 4  21  8   HOH HOH A . 
H 4 HOH 5  22  9   HOH HOH A . 
H 4 HOH 6  23  10  HOH HOH A . 
H 4 HOH 7  24  12  HOH HOH A . 
H 4 HOH 8  25  13  HOH HOH A . 
H 4 HOH 9  26  14  HOH HOH A . 
H 4 HOH 10 27  16  HOH HOH A . 
H 4 HOH 11 28  18  HOH HOH A . 
H 4 HOH 12 29  21  HOH HOH A . 
H 4 HOH 13 30  26  HOH HOH A . 
H 4 HOH 14 31  31  HOH HOH A . 
H 4 HOH 15 32  33  HOH HOH A . 
H 4 HOH 16 33  37  HOH HOH A . 
H 4 HOH 17 34  38  HOH HOH A . 
H 4 HOH 18 35  39  HOH HOH A . 
H 4 HOH 19 36  40  HOH HOH A . 
H 4 HOH 20 37  45  HOH HOH A . 
H 4 HOH 21 38  46  HOH HOH A . 
H 4 HOH 22 39  49  HOH HOH A . 
H 4 HOH 23 40  52  HOH HOH A . 
H 4 HOH 24 41  55  HOH HOH A . 
H 4 HOH 25 42  57  HOH HOH A . 
H 4 HOH 26 43  59  HOH HOH A . 
H 4 HOH 27 44  61  HOH HOH A . 
H 4 HOH 28 45  64  HOH HOH A . 
H 4 HOH 29 46  73  HOH HOH A . 
H 4 HOH 30 47  76  HOH HOH A . 
H 4 HOH 31 48  77  HOH HOH A . 
H 4 HOH 32 49  78  HOH HOH A . 
H 4 HOH 33 50  85  HOH HOH A . 
H 4 HOH 34 51  88  HOH HOH A . 
H 4 HOH 35 52  89  HOH HOH A . 
H 4 HOH 36 53  91  HOH HOH A . 
H 4 HOH 37 54  96  HOH HOH A . 
H 4 HOH 38 55  97  HOH HOH A . 
H 4 HOH 39 56  98  HOH HOH A . 
H 4 HOH 40 57  100 HOH HOH A . 
H 4 HOH 41 58  102 HOH HOH A . 
H 4 HOH 42 59  103 HOH HOH A . 
H 4 HOH 43 60  105 HOH HOH A . 
H 4 HOH 44 61  111 HOH HOH A . 
H 4 HOH 45 62  116 HOH HOH A . 
H 4 HOH 46 63  117 HOH HOH A . 
H 4 HOH 47 64  118 HOH HOH A . 
H 4 HOH 48 65  119 HOH HOH A . 
H 4 HOH 49 66  126 HOH HOH A . 
H 4 HOH 50 67  130 HOH HOH A . 
H 4 HOH 51 68  131 HOH HOH A . 
H 4 HOH 52 69  132 HOH HOH A . 
H 4 HOH 53 70  134 HOH HOH A . 
H 4 HOH 54 71  138 HOH HOH A . 
H 4 HOH 55 72  140 HOH HOH A . 
H 4 HOH 56 73  146 HOH HOH A . 
H 4 HOH 57 74  154 HOH HOH A . 
H 4 HOH 58 75  155 HOH HOH A . 
H 4 HOH 59 76  156 HOH HOH A . 
H 4 HOH 60 77  167 HOH HOH A . 
H 4 HOH 61 78  168 HOH HOH A . 
H 4 HOH 62 79  170 HOH HOH A . 
H 4 HOH 63 80  172 HOH HOH A . 
H 4 HOH 64 81  173 HOH HOH A . 
H 4 HOH 65 82  184 HOH HOH A . 
H 4 HOH 66 83  189 HOH HOH A . 
H 4 HOH 67 84  190 HOH HOH A . 
H 4 HOH 68 85  191 HOH HOH A . 
I 4 HOH 1  27  3   HOH HOH B . 
I 4 HOH 2  28  11  HOH HOH B . 
I 4 HOH 3  29  15  HOH HOH B . 
I 4 HOH 4  30  17  HOH HOH B . 
I 4 HOH 5  31  19  HOH HOH B . 
I 4 HOH 6  32  20  HOH HOH B . 
I 4 HOH 7  33  22  HOH HOH B . 
I 4 HOH 8  34  23  HOH HOH B . 
I 4 HOH 9  35  25  HOH HOH B . 
I 4 HOH 10 36  27  HOH HOH B . 
I 4 HOH 11 37  28  HOH HOH B . 
I 4 HOH 12 38  29  HOH HOH B . 
I 4 HOH 13 39  30  HOH HOH B . 
I 4 HOH 14 40  32  HOH HOH B . 
I 4 HOH 15 41  35  HOH HOH B . 
I 4 HOH 16 42  36  HOH HOH B . 
I 4 HOH 17 43  41  HOH HOH B . 
I 4 HOH 18 44  42  HOH HOH B . 
I 4 HOH 19 45  43  HOH HOH B . 
I 4 HOH 20 46  44  HOH HOH B . 
I 4 HOH 21 47  47  HOH HOH B . 
I 4 HOH 22 48  48  HOH HOH B . 
I 4 HOH 23 49  50  HOH HOH B . 
I 4 HOH 24 50  53  HOH HOH B . 
I 4 HOH 25 51  54  HOH HOH B . 
I 4 HOH 26 52  56  HOH HOH B . 
I 4 HOH 27 53  58  HOH HOH B . 
I 4 HOH 28 54  62  HOH HOH B . 
I 4 HOH 29 55  63  HOH HOH B . 
I 4 HOH 30 56  65  HOH HOH B . 
I 4 HOH 31 57  66  HOH HOH B . 
I 4 HOH 32 58  68  HOH HOH B . 
I 4 HOH 33 59  70  HOH HOH B . 
I 4 HOH 34 60  74  HOH HOH B . 
I 4 HOH 35 61  75  HOH HOH B . 
I 4 HOH 36 62  79  HOH HOH B . 
I 4 HOH 37 63  81  HOH HOH B . 
I 4 HOH 38 64  82  HOH HOH B . 
I 4 HOH 39 65  83  HOH HOH B . 
I 4 HOH 40 66  84  HOH HOH B . 
I 4 HOH 41 67  90  HOH HOH B . 
I 4 HOH 42 68  92  HOH HOH B . 
I 4 HOH 43 69  95  HOH HOH B . 
I 4 HOH 44 70  99  HOH HOH B . 
I 4 HOH 45 71  101 HOH HOH B . 
I 4 HOH 46 72  104 HOH HOH B . 
I 4 HOH 47 73  107 HOH HOH B . 
I 4 HOH 48 74  108 HOH HOH B . 
I 4 HOH 49 75  109 HOH HOH B . 
I 4 HOH 50 76  110 HOH HOH B . 
I 4 HOH 51 77  112 HOH HOH B . 
I 4 HOH 52 78  114 HOH HOH B . 
I 4 HOH 53 79  115 HOH HOH B . 
I 4 HOH 54 80  120 HOH HOH B . 
I 4 HOH 55 81  122 HOH HOH B . 
I 4 HOH 56 82  123 HOH HOH B . 
I 4 HOH 57 83  125 HOH HOH B . 
I 4 HOH 58 84  129 HOH HOH B . 
I 4 HOH 59 85  137 HOH HOH B . 
I 4 HOH 60 86  139 HOH HOH B . 
I 4 HOH 61 87  142 HOH HOH B . 
I 4 HOH 62 88  151 HOH HOH B . 
I 4 HOH 63 89  152 HOH HOH B . 
I 4 HOH 64 90  153 HOH HOH B . 
I 4 HOH 65 91  160 HOH HOH B . 
I 4 HOH 66 92  161 HOH HOH B . 
I 4 HOH 67 93  162 HOH HOH B . 
I 4 HOH 68 94  163 HOH HOH B . 
I 4 HOH 69 95  165 HOH HOH B . 
I 4 HOH 70 96  169 HOH HOH B . 
I 4 HOH 71 97  178 HOH HOH B . 
I 4 HOH 72 98  179 HOH HOH B . 
I 4 HOH 73 99  180 HOH HOH B . 
I 4 HOH 74 100 185 HOH HOH B . 
I 4 HOH 75 101 186 HOH HOH B . 
I 4 HOH 76 102 187 HOH HOH B . 
I 4 HOH 77 103 188 HOH HOH B . 
# 
loop_
_software.name 
_software.version 
_software.date 
_software.type 
_software.contact_author 
_software.contact_author_email 
_software.classification 
_software.location 
_software.language 
_software.citation_id 
_software.pdbx_ordinal 
CNS         .     ?              package 'Axel T. Brunger' axel.brunger@yale.edu    refinement        
http://cns.csb.yale.edu/v1.1/    Fortran_77 ? 1 
PDB_EXTRACT 3.000 'July 2, 2007' package PDB               sw-help@rcsb.rutgers.edu 'data extraction' 
http://pdb.rutgers.edu/software/ C++        ? 2 
MAR345dtb   .     ?              ?       ?                 ?                        'data collection' ? ?          ? 3 
MOSFLM      .     ?              ?       ?                 ?                        'data reduction'  ? ?          ? 4 
SCALA       .     ?              ?       ?                 ?                        'data scaling'    ? ?          ? 5 
CNS         .     ?              ?       ?                 ?                        phasing           ? ?          ? 6 
# 
_cell.entry_id           2R22 
_cell.length_a           25.280 
_cell.length_b           25.500 
_cell.length_c           29.600 
_cell.angle_alpha        97.97 
_cell.angle_beta         106.69 
_cell.angle_gamma        101.62 
_cell.Z_PDB              2 
_cell.pdbx_unique_axis   ? 
_cell.length_a_esd       ? 
_cell.length_b_esd       ? 
_cell.length_c_esd       ? 
_cell.angle_alpha_esd    ? 
_cell.angle_beta_esd     ? 
_cell.angle_gamma_esd    ? 
# 
_symmetry.entry_id                         2R22 
_symmetry.space_group_name_H-M             'P 1' 
_symmetry.pdbx_full_space_group_name_H-M   ? 
_symmetry.cell_setting                     ? 
_symmetry.Int_Tables_number                1 
_symmetry.space_group_name_Hall            ? 
# 
_exptl.crystals_number   1 
_exptl.entry_id          2R22 
_exptl.method            'X-RAY DIFFRACTION' 
# 
_exptl_crystal.id                    1 
_exptl_crystal.density_Matthews      2.11 
_exptl_crystal.density_meas          ? 
_exptl_crystal.density_percent_sol   41.58 
_exptl_crystal.description           ? 
_exptl_crystal.F_000                 ? 
_exptl_crystal.preparation           ? 
# 
_exptl_crystal_grow.crystal_id      1 
_exptl_crystal_grow.method          'VAPOR DIFFUSION, HANGING DROP' 
_exptl_crystal_grow.pH              7.0 
_exptl_crystal_grow.temp            ? 
_exptl_crystal_grow.temp_details    ? 
_exptl_crystal_grow.pdbx_details    '3 mM MnCl2, 100 mM NaCl, 50 mM Tris, 30 % MPD, pH 7.0, VAPOR DIFFUSION, HANGING DROP' 
_exptl_crystal_grow.pdbx_pH_range   . 
# 
loop_
_exptl_crystal_grow_comp.crystal_id 
_exptl_crystal_grow_comp.id 
_exptl_crystal_grow_comp.sol_id 
_exptl_crystal_grow_comp.name 
_exptl_crystal_grow_comp.conc 
_exptl_crystal_grow_comp.volume 
_exptl_crystal_grow_comp.details 
1 1 1 MPD   ? ? ? 
1 2 1 NaCl  ? ? ? 
1 3 1 Tris  ? ? ? 
1 4 1 MnCl2 ? ? ? 
1 5 2 MPD   ? ? ? 
1 6 2 NaCl  ? ? ? 
1 7 2 Tris  ? ? ? 
1 8 2 MnCl2 ? ? ? 
# 
_diffrn.id                     1 
_diffrn.ambient_temp           80 
_diffrn.ambient_temp_details   ? 
_diffrn.crystal_id             1 
# 
_diffrn_detector.diffrn_id              1 
_diffrn_detector.detector               'IMAGE PLATE' 
_diffrn_detector.type                   'MAR scanner 345 mm plate' 
_diffrn_detector.pdbx_collection_date   2003-02-03 
_diffrn_detector.details                mirrors 
# 
_diffrn_radiation.diffrn_id                        1 
_diffrn_radiation.wavelength_id                    1 
_diffrn_radiation.pdbx_diffrn_protocol             'SINGLE WAVELENGTH' 
_diffrn_radiation.monochromator                    'Si (111) Crystal' 
_diffrn_radiation.pdbx_monochromatic_or_laue_m_l   M 
_diffrn_radiation.pdbx_scattering_type             x-ray 
# 
_diffrn_radiation_wavelength.id           1 
_diffrn_radiation_wavelength.wavelength   0.919487 
_diffrn_radiation_wavelength.wt           1.0 
# 
_diffrn_source.diffrn_id                   1 
_diffrn_source.source                      SYNCHROTRON 
_diffrn_source.type                        'ESRF BEAMLINE BM30A' 
_diffrn_source.pdbx_wavelength             ? 
_diffrn_source.pdbx_wavelength_list        0.919487 
_diffrn_source.pdbx_synchrotron_site       ESRF 
_diffrn_source.pdbx_synchrotron_beamline   BM30A 
# 
_reflns.entry_id                     2R22 
_reflns.observed_criterion_sigma_F   ? 
_reflns.observed_criterion_sigma_I   ? 
_reflns.d_resolution_high            1.4 
_reflns.d_resolution_low             20 
_reflns.number_all                   12814 
_reflns.number_obs                   12814 
_reflns.percent_possible_obs         88.7 
_reflns.pdbx_Rmerge_I_obs            0.090 
_reflns.pdbx_Rsym_value              6.4 
_reflns.pdbx_netI_over_sigmaI        7.8 
_reflns.B_iso_Wilson_estimate        ? 
_reflns.pdbx_redundancy              1.7 
_reflns.R_free_details               ? 
_reflns.pdbx_chi_squared             ? 
_reflns.pdbx_scaling_rejects         ? 
_reflns.pdbx_diffrn_id               1 
_reflns.pdbx_ordinal                 1 
# 
_reflns_shell.d_res_high             1.4 
_reflns_shell.d_res_low              1.53 
_reflns_shell.percent_possible_obs   ? 
_reflns_shell.percent_possible_all   92 
_reflns_shell.Rmerge_I_obs           0.279 
_reflns_shell.meanI_over_sigI_obs    2.1 
_reflns_shell.pdbx_Rsym_value        19.7 
_reflns_shell.pdbx_redundancy        1.1 
_reflns_shell.number_unique_all      1838 
_reflns_shell.number_measured_all    ? 
_reflns_shell.number_measured_obs    ? 
_reflns_shell.number_unique_obs      ? 
_reflns_shell.pdbx_chi_squared       ? 
_reflns_shell.pdbx_diffrn_id         ? 
_reflns_shell.pdbx_ordinal           1 
# 
_refine.entry_id                                 2R22 
_refine.ls_d_res_high                            1.400 
_refine.ls_d_res_low                             20 
_refine.pdbx_ls_sigma_F                          104.00 
_refine.ls_percent_reflns_obs                    63.300 
_refine.ls_number_reflns_obs                     12814 
_refine.ls_R_factor_R_work                       0.178 
_refine.ls_R_factor_R_free                       0.200 
_refine.ls_percent_reflns_R_free                 5.500 
_refine.ls_number_reflns_R_free                  1457 
_refine.B_iso_mean                               13.727 
_refine.solvent_model_param_bsol                 40.159 
_refine.aniso_B[1][1]                            -4.257 
_refine.aniso_B[2][2]                            3.193 
_refine.aniso_B[3][3]                            1.064 
_refine.aniso_B[1][2]                            -1.789 
_refine.aniso_B[1][3]                            -2.954 
_refine.aniso_B[2][3]                            0.929 
_refine.pdbx_method_to_determine_struct          ? 
_refine.pdbx_ls_sigma_I                          ? 
_refine.ls_number_reflns_all                     ? 
_refine.ls_R_factor_all                          ? 
_refine.ls_R_factor_obs                          ? 
_refine.ls_redundancy_reflns_obs                 ? 
_refine.pdbx_data_cutoff_high_absF               ? 
_refine.pdbx_data_cutoff_low_absF                ? 
_refine.ls_number_parameters                     ? 
_refine.ls_number_restraints                     ? 
_refine.ls_R_factor_R_free_error                 ? 
_refine.ls_R_factor_R_free_error_details         ? 
_refine.pdbx_starting_model                      ? 
_refine.pdbx_ls_cross_valid_method               ? 
_refine.pdbx_R_Free_selection_details            ? 
_refine.pdbx_stereochem_target_val_spec_case     ? 
_refine.pdbx_stereochemistry_target_values       ? 
_refine.solvent_model_details                    ? 
_refine.solvent_model_param_ksol                 ? 
_refine.occupancy_max                            ? 
_refine.occupancy_min                            ? 
_refine.pdbx_isotropic_thermal_model             ? 
_refine.details                                  ? 
_refine.correlation_coeff_Fo_to_Fc               ? 
_refine.correlation_coeff_Fo_to_Fc_free          ? 
_refine.pdbx_solvent_vdw_probe_radii             ? 
_refine.pdbx_solvent_ion_probe_radii             ? 
_refine.pdbx_solvent_shrinkage_radii             ? 
_refine.overall_SU_R_Cruickshank_DPI             ? 
_refine.overall_SU_R_free                        ? 
_refine.overall_SU_ML                            ? 
_refine.overall_SU_B                             ? 
_refine.pdbx_overall_ESU_R_Free                  ? 
_refine.pdbx_data_cutoff_high_rms_absF           ? 
_refine.pdbx_overall_ESU_R                       ? 
_refine.ls_wR_factor_R_free                      ? 
_refine.ls_wR_factor_R_work                      ? 
_refine.overall_FOM_free_R_set                   ? 
_refine.overall_FOM_work_R_set                   ? 
_refine.pdbx_refine_id                           'X-RAY DIFFRACTION' 
_refine.pdbx_diffrn_id                           1 
_refine.pdbx_TLS_residual_ADP_flag               ? 
_refine.pdbx_overall_phase_error                 ? 
_refine.pdbx_overall_SU_R_free_Cruickshank_DPI   ? 
_refine.pdbx_overall_SU_R_Blow_DPI               ? 
_refine.pdbx_overall_SU_R_free_Blow_DPI          ? 
# 
_refine_hist.pdbx_refine_id                   'X-RAY DIFFRACTION' 
_refine_hist.cycle_id                         LAST 
_refine_hist.pdbx_number_atoms_protein        0 
_refine_hist.pdbx_number_atoms_nucleic_acid   550 
_refine_hist.pdbx_number_atoms_ligand         5 
_refine_hist.number_atoms_solvent             145 
_refine_hist.number_atoms_total               700 
_refine_hist.d_res_high                       1.400 
_refine_hist.d_res_low                        20 
# 
loop_
_refine_ls_restr.type 
_refine_ls_restr.dev_ideal 
_refine_ls_restr.dev_ideal_target 
_refine_ls_restr.number 
_refine_ls_restr.weight 
_refine_ls_restr.pdbx_refine_id 
_refine_ls_restr.pdbx_restraint_function 
c_angle_d 0.89166  ? ? ? 'X-RAY DIFFRACTION' ? 
c_bond_d  0.003646 ? ? ? 'X-RAY DIFFRACTION' ? 
# 
loop_
_pdbx_xplor_file.serial_no 
_pdbx_xplor_file.param_file 
_pdbx_xplor_file.topol_file 
_pdbx_xplor_file.pdbx_refine_id 
1 dna-rna_rep.param ? 'X-RAY DIFFRACTION' 
2 ion.param         ? 'X-RAY DIFFRACTION' 
3 water_rep.param   ? 'X-RAY DIFFRACTION' 
# 
_struct.entry_id                  2R22 
_struct.title                     'Structure of the native RNA tridecamer r(GCGUUUGAAACGC) at 1.5 A (NatMn)' 
_struct.pdbx_model_details        ? 
_struct.pdbx_CASP_flag            ? 
_struct.pdbx_model_type_details   ? 
# 
_struct_keywords.entry_id        2R22 
_struct_keywords.pdbx_keywords   RNA 
_struct_keywords.text            'monovalent, electrostatic, asymmetry, manganese, RNA' 
# 
loop_
_struct_asym.id 
_struct_asym.pdbx_blank_PDB_chainid_flag 
_struct_asym.pdbx_modified 
_struct_asym.entity_id 
_struct_asym.details 
A N N 1 ? 
B N N 1 ? 
C N N 2 ? 
D N N 2 ? 
E N N 2 ? 
F N N 3 ? 
G N N 2 ? 
H N N 4 ? 
I N N 4 ? 
# 
_struct_ref.id                         1 
_struct_ref.entity_id                  1 
_struct_ref.db_name                    PDB 
_struct_ref.db_code                    2R22 
_struct_ref.pdbx_db_accession          2R22 
_struct_ref.pdbx_db_isoform            ? 
_struct_ref.pdbx_seq_one_letter_code   ? 
_struct_ref.pdbx_align_begin           ? 
# 
loop_
_struct_ref_seq.align_id 
_struct_ref_seq.ref_id 
_struct_ref_seq.pdbx_PDB_id_code 
_struct_ref_seq.pdbx_strand_id 
_struct_ref_seq.seq_align_beg 
_struct_ref_seq.pdbx_seq_align_beg_ins_code 
_struct_ref_seq.seq_align_end 
_struct_ref_seq.pdbx_seq_align_end_ins_code 
_struct_ref_seq.pdbx_db_accession 
_struct_ref_seq.db_align_beg 
_struct_ref_seq.pdbx_db_align_beg_ins_code 
_struct_ref_seq.db_align_end 
_struct_ref_seq.pdbx_db_align_end_ins_code 
_struct_ref_seq.pdbx_auth_seq_align_beg 
_struct_ref_seq.pdbx_auth_seq_align_end 
1 1 2R22 A 1 ? 13 ? 2R22 1  ? 13 ? 1  13 
2 1 2R22 B 1 ? 13 ? 2R22 14 ? 26 ? 14 26 
# 
_pdbx_struct_assembly.id                   1 
_pdbx_struct_assembly.details              author_and_software_defined_assembly 
_pdbx_struct_assembly.method_details       PISA 
_pdbx_struct_assembly.oligomeric_details   dimeric 
_pdbx_struct_assembly.oligomeric_count     2 
# 
_pdbx_struct_assembly_prop.biol_id   1 
_pdbx_struct_assembly_prop.type      'ABSA (A^2)' 
_pdbx_struct_assembly_prop.value     1850 
_pdbx_struct_assembly_prop.details   ? 
# 
_pdbx_struct_assembly_gen.assembly_id       1 
_pdbx_struct_assembly_gen.oper_expression   1 
_pdbx_struct_assembly_gen.asym_id_list      A,B,C,D,E,F,G,H,I 
# 
_pdbx_struct_oper_list.id                   1 
_pdbx_struct_oper_list.type                 'identity operation' 
_pdbx_struct_oper_list.name                 1_555 
_pdbx_struct_oper_list.symmetry_operation   x,y,z 
_pdbx_struct_oper_list.matrix[1][1]         1.0000000000 
_pdbx_struct_oper_list.matrix[1][2]         0.0000000000 
_pdbx_struct_oper_list.matrix[1][3]         0.0000000000 
_pdbx_struct_oper_list.vector[1]            0.0000000000 
_pdbx_struct_oper_list.matrix[2][1]         0.0000000000 
_pdbx_struct_oper_list.matrix[2][2]         1.0000000000 
_pdbx_struct_oper_list.matrix[2][3]         0.0000000000 
_pdbx_struct_oper_list.vector[2]            0.0000000000 
_pdbx_struct_oper_list.matrix[3][1]         0.0000000000 
_pdbx_struct_oper_list.matrix[3][2]         0.0000000000 
_pdbx_struct_oper_list.matrix[3][3]         1.0000000000 
_pdbx_struct_oper_list.vector[3]            0.0000000000 
# 
_struct_biol.id        1 
_struct_biol.details   ? 
# 
loop_
_struct_conn.id 
_struct_conn.conn_type_id 
_struct_conn.pdbx_leaving_atom_flag 
_struct_conn.pdbx_PDB_id 
_struct_conn.ptnr1_label_asym_id 
_struct_conn.ptnr1_label_comp_id 
_struct_conn.ptnr1_label_seq_id 
_struct_conn.ptnr1_label_atom_id 
_struct_conn.pdbx_ptnr1_label_alt_id 
_struct_conn.pdbx_ptnr1_PDB_ins_code 
_struct_conn.pdbx_ptnr1_standard_comp_id 
_struct_conn.ptnr1_symmetry 
_struct_conn.ptnr2_label_asym_id 
_struct_conn.ptnr2_label_comp_id 
_struct_conn.ptnr2_label_seq_id 
_struct_conn.ptnr2_label_atom_id 
_struct_conn.pdbx_ptnr2_label_alt_id 
_struct_conn.pdbx_ptnr2_PDB_ins_code 
_struct_conn.ptnr1_auth_asym_id 
_struct_conn.ptnr1_auth_comp_id 
_struct_conn.ptnr1_auth_seq_id 
_struct_conn.ptnr2_auth_asym_id 
_struct_conn.ptnr2_auth_comp_id 
_struct_conn.ptnr2_auth_seq_id 
_struct_conn.ptnr2_symmetry 
_struct_conn.pdbx_ptnr3_label_atom_id 
_struct_conn.pdbx_ptnr3_label_seq_id 
_struct_conn.pdbx_ptnr3_label_comp_id 
_struct_conn.pdbx_ptnr3_label_asym_id 
_struct_conn.pdbx_ptnr3_label_alt_id 
_struct_conn.pdbx_ptnr3_PDB_ins_code 
_struct_conn.details 
_struct_conn.pdbx_dist_value 
_struct_conn.pdbx_value_order 
_struct_conn.pdbx_role 
metalc1  metalc ? ? A U  4  O4 ? ? ? 1_555 C NA  .  NA ? ? A U  4  A NA  14 1_555 ? ? ? ? ? ? ?            2.629 ? ? 
metalc2  metalc ? ? A U  5  O4 ? ? ? 1_555 C NA  .  NA ? ? A U  5  A NA  14 1_555 ? ? ? ? ? ? ?            2.729 ? ? 
metalc3  metalc ? ? A G  7  N7 ? ? ? 1_555 D NA  .  NA ? ? A G  7  A NA  15 1_555 ? ? ? ? ? ? ?            2.513 ? ? 
metalc4  metalc ? ? A A  9  N7 ? ? ? 1_555 E NA  .  NA ? ? A A  9  A NA  16 1_555 ? ? ? ? ? ? ?            2.751 ? ? 
metalc5  metalc ? ? C NA .  NA ? ? ? 1_555 H HOH .  O  ? ? A NA 14 A HOH 37 1_555 ? ? ? ? ? ? ?            2.205 ? ? 
metalc6  metalc ? ? C NA .  NA ? ? ? 1_555 H HOH .  O  ? ? A NA 14 A HOH 48 1_555 ? ? ? ? ? ? ?            2.389 ? ? 
metalc7  metalc ? ? C NA .  NA ? ? ? 1_555 H HOH .  O  ? ? A NA 14 A HOH 51 1_555 ? ? ? ? ? ? ?            2.377 ? ? 
metalc8  metalc ? ? C NA .  NA ? ? ? 1_555 I HOH .  O  ? ? A NA 14 B HOH 69 1_555 ? ? ? ? ? ? ?            2.941 ? ? 
metalc9  metalc ? ? D NA .  NA ? ? ? 1_555 H HOH .  O  ? ? A NA 15 A HOH 31 1_555 ? ? ? ? ? ? ?            2.413 ? ? 
metalc10 metalc ? ? D NA .  NA ? ? ? 1_555 H HOH .  O  ? ? A NA 15 A HOH 55 1_555 ? ? ? ? ? ? ?            2.569 ? ? 
metalc11 metalc ? ? D NA .  NA ? ? ? 1_555 H HOH .  O  ? ? A NA 15 A HOH 65 1_555 ? ? ? ? ? ? ?            2.464 ? ? 
metalc12 metalc ? ? D NA .  NA ? ? ? 1_555 H HOH .  O  ? ? A NA 15 A HOH 67 1_555 ? ? ? ? ? ? ?            2.550 ? ? 
metalc13 metalc ? ? D NA .  NA ? ? ? 1_555 H HOH .  O  ? ? A NA 15 A HOH 83 1_555 ? ? ? ? ? ? ?            2.376 ? ? 
metalc14 metalc ? ? E NA .  NA ? ? ? 1_555 H HOH .  O  ? ? A NA 16 A HOH 50 1_555 ? ? ? ? ? ? ?            2.392 ? ? 
metalc15 metalc ? ? E NA .  NA ? ? ? 1_555 H HOH .  O  ? ? A NA 16 A HOH 64 1_555 ? ? ? ? ? ? ?            2.708 ? ? 
metalc16 metalc ? ? E NA .  NA ? ? ? 1_555 H HOH .  O  ? ? A NA 16 A HOH 73 1_555 ? ? ? ? ? ? ?            2.272 ? ? 
metalc17 metalc ? ? E NA .  NA ? ? ? 1_555 H HOH .  O  ? ? A NA 16 A HOH 75 1_555 ? ? ? ? ? ? ?            2.473 ? ? 
metalc18 metalc ? ? F MN .  MN ? ? ? 1_555 H HOH .  O  ? ? A MN 17 A HOH 23 1_555 ? ? ? ? ? ? ?            2.256 ? ? 
metalc19 metalc ? ? F MN .  MN ? ? ? 1_555 H HOH .  O  ? ? A MN 17 A HOH 30 1_555 ? ? ? ? ? ? ?            2.095 ? ? 
metalc20 metalc ? ? F MN .  MN ? ? ? 1_555 H HOH .  O  ? ? A MN 17 A HOH 59 1_555 ? ? ? ? ? ? ?            1.951 ? ? 
metalc21 metalc ? ? G NA .  NA ? ? ? 1_555 B U   4  O4 ? ? B NA 1  B U   17 1_555 ? ? ? ? ? ? ?            2.524 ? ? 
metalc22 metalc ? ? G NA .  NA ? ? ? 1_555 B U   5  O4 ? ? B NA 1  B U   18 1_555 ? ? ? ? ? ? ?            2.377 ? ? 
metalc23 metalc ? ? G NA .  NA ? ? ? 1_555 I HOH .  O  ? ? B NA 1  B HOH 42 1_555 ? ? ? ? ? ? ?            2.511 ? ? 
metalc24 metalc ? ? G NA .  NA ? ? ? 1_555 I HOH .  O  ? ? B NA 1  B HOH 61 1_555 ? ? ? ? ? ? ?            2.384 ? ? 
metalc25 metalc ? ? G NA .  NA ? ? ? 1_555 I HOH .  O  ? ? B NA 1  B HOH 62 1_555 ? ? ? ? ? ? ?            2.459 ? ? 
hydrog1  hydrog ? ? A G  1  N1 ? ? ? 1_555 B C   13 N3 ? ? A G  1  B C   26 1_555 ? ? ? ? ? ? WATSON-CRICK ?     ? ? 
hydrog2  hydrog ? ? A G  1  N2 ? ? ? 1_555 B C   13 O2 ? ? A G  1  B C   26 1_555 ? ? ? ? ? ? WATSON-CRICK ?     ? ? 
hydrog3  hydrog ? ? A G  1  O6 ? ? ? 1_555 B C   13 N4 ? ? A G  1  B C   26 1_555 ? ? ? ? ? ? WATSON-CRICK ?     ? ? 
hydrog4  hydrog ? ? A C  2  N3 ? ? ? 1_555 B G   12 N1 ? ? A C  2  B G   25 1_555 ? ? ? ? ? ? WATSON-CRICK ?     ? ? 
hydrog5  hydrog ? ? A C  2  N4 ? ? ? 1_555 B G   12 O6 ? ? A C  2  B G   25 1_555 ? ? ? ? ? ? WATSON-CRICK ?     ? ? 
hydrog6  hydrog ? ? A C  2  O2 ? ? ? 1_555 B G   12 N2 ? ? A C  2  B G   25 1_555 ? ? ? ? ? ? WATSON-CRICK ?     ? ? 
hydrog7  hydrog ? ? A G  3  N1 ? ? ? 1_555 B C   11 N3 ? ? A G  3  B C   24 1_555 ? ? ? ? ? ? WATSON-CRICK ?     ? ? 
hydrog8  hydrog ? ? A G  3  N2 ? ? ? 1_555 B C   11 O2 ? ? A G  3  B C   24 1_555 ? ? ? ? ? ? WATSON-CRICK ?     ? ? 
hydrog9  hydrog ? ? A G  3  O6 ? ? ? 1_555 B C   11 N4 ? ? A G  3  B C   24 1_555 ? ? ? ? ? ? WATSON-CRICK ?     ? ? 
hydrog10 hydrog ? ? A U  4  N3 ? ? ? 1_555 B A   10 N1 ? ? A U  4  B A   23 1_555 ? ? ? ? ? ? WATSON-CRICK ?     ? ? 
hydrog11 hydrog ? ? A U  4  O4 ? ? ? 1_555 B A   10 N6 ? ? A U  4  B A   23 1_555 ? ? ? ? ? ? WATSON-CRICK ?     ? ? 
hydrog12 hydrog ? ? A U  5  N3 ? ? ? 1_555 B A   9  N1 ? ? A U  5  B A   22 1_555 ? ? ? ? ? ? WATSON-CRICK ?     ? ? 
hydrog13 hydrog ? ? A U  5  O4 ? ? ? 1_555 B A   9  N6 ? ? A U  5  B A   22 1_555 ? ? ? ? ? ? WATSON-CRICK ?     ? ? 
hydrog14 hydrog ? ? A U  6  N3 ? ? ? 1_555 B A   8  N1 ? ? A U  6  B A   21 1_555 ? ? ? ? ? ? WATSON-CRICK ?     ? ? 
hydrog15 hydrog ? ? A U  6  O4 ? ? ? 1_555 B A   8  N6 ? ? A U  6  B A   21 1_555 ? ? ? ? ? ? WATSON-CRICK ?     ? ? 
hydrog16 hydrog ? ? A G  7  N1 ? ? ? 1_555 B G   7  O6 ? ? A G  7  B G   20 1_555 ? ? ? ? ? ? TYPE_6_PAIR  ?     ? ? 
hydrog17 hydrog ? ? A G  7  N2 ? ? ? 1_555 B G   7  N7 ? ? A G  7  B G   20 1_555 ? ? ? ? ? ? TYPE_6_PAIR  ?     ? ? 
hydrog18 hydrog ? ? A A  8  N1 ? ? ? 1_555 B U   6  N3 ? ? A A  8  B U   19 1_555 ? ? ? ? ? ? WATSON-CRICK ?     ? ? 
hydrog19 hydrog ? ? A A  8  N6 ? ? ? 1_555 B U   6  O4 ? ? A A  8  B U   19 1_555 ? ? ? ? ? ? WATSON-CRICK ?     ? ? 
hydrog20 hydrog ? ? A A  9  N1 ? ? ? 1_555 B U   5  N3 ? ? A A  9  B U   18 1_555 ? ? ? ? ? ? WATSON-CRICK ?     ? ? 
hydrog21 hydrog ? ? A A  9  N6 ? ? ? 1_555 B U   5  O4 ? ? A A  9  B U   18 1_555 ? ? ? ? ? ? WATSON-CRICK ?     ? ? 
hydrog22 hydrog ? ? A A  10 N1 ? ? ? 1_555 B U   4  N3 ? ? A A  10 B U   17 1_555 ? ? ? ? ? ? WATSON-CRICK ?     ? ? 
hydrog23 hydrog ? ? A A  10 N6 ? ? ? 1_555 B U   4  O4 ? ? A A  10 B U   17 1_555 ? ? ? ? ? ? WATSON-CRICK ?     ? ? 
hydrog24 hydrog ? ? A C  11 N3 ? ? ? 1_555 B G   3  N1 ? ? A C  11 B G   16 1_555 ? ? ? ? ? ? WATSON-CRICK ?     ? ? 
hydrog25 hydrog ? ? A C  11 N4 ? ? ? 1_555 B G   3  O6 ? ? A C  11 B G   16 1_555 ? ? ? ? ? ? WATSON-CRICK ?     ? ? 
hydrog26 hydrog ? ? A C  11 O2 ? ? ? 1_555 B G   3  N2 ? ? A C  11 B G   16 1_555 ? ? ? ? ? ? WATSON-CRICK ?     ? ? 
hydrog27 hydrog ? ? A G  12 N1 ? ? ? 1_555 B C   2  N3 ? ? A G  12 B C   15 1_555 ? ? ? ? ? ? WATSON-CRICK ?     ? ? 
hydrog28 hydrog ? ? A G  12 N2 ? ? ? 1_555 B C   2  O2 ? ? A G  12 B C   15 1_555 ? ? ? ? ? ? WATSON-CRICK ?     ? ? 
hydrog29 hydrog ? ? A G  12 O6 ? ? ? 1_555 B C   2  N4 ? ? A G  12 B C   15 1_555 ? ? ? ? ? ? WATSON-CRICK ?     ? ? 
hydrog30 hydrog ? ? A C  13 N3 ? ? ? 1_555 B G   1  N1 ? ? A C  13 B G   14 1_555 ? ? ? ? ? ? WATSON-CRICK ?     ? ? 
hydrog31 hydrog ? ? A C  13 N4 ? ? ? 1_555 B G   1  O6 ? ? A C  13 B G   14 1_555 ? ? ? ? ? ? WATSON-CRICK ?     ? ? 
hydrog32 hydrog ? ? A C  13 O2 ? ? ? 1_555 B G   1  N2 ? ? A C  13 B G   14 1_555 ? ? ? ? ? ? WATSON-CRICK ?     ? ? 
# 
loop_
_struct_conn_type.id 
_struct_conn_type.criteria 
_struct_conn_type.reference 
metalc ? ? 
hydrog ? ? 
# 
loop_
_pdbx_struct_conn_angle.id 
_pdbx_struct_conn_angle.ptnr1_label_atom_id 
_pdbx_struct_conn_angle.ptnr1_label_alt_id 
_pdbx_struct_conn_angle.ptnr1_label_asym_id 
_pdbx_struct_conn_angle.ptnr1_label_comp_id 
_pdbx_struct_conn_angle.ptnr1_label_seq_id 
_pdbx_struct_conn_angle.ptnr1_auth_atom_id 
_pdbx_struct_conn_angle.ptnr1_auth_asym_id 
_pdbx_struct_conn_angle.ptnr1_auth_comp_id 
_pdbx_struct_conn_angle.ptnr1_auth_seq_id 
_pdbx_struct_conn_angle.ptnr1_PDB_ins_code 
_pdbx_struct_conn_angle.ptnr1_symmetry 
_pdbx_struct_conn_angle.ptnr2_label_atom_id 
_pdbx_struct_conn_angle.ptnr2_label_alt_id 
_pdbx_struct_conn_angle.ptnr2_label_asym_id 
_pdbx_struct_conn_angle.ptnr2_label_comp_id 
_pdbx_struct_conn_angle.ptnr2_label_seq_id 
_pdbx_struct_conn_angle.ptnr2_auth_atom_id 
_pdbx_struct_conn_angle.ptnr2_auth_asym_id 
_pdbx_struct_conn_angle.ptnr2_auth_comp_id 
_pdbx_struct_conn_angle.ptnr2_auth_seq_id 
_pdbx_struct_conn_angle.ptnr2_PDB_ins_code 
_pdbx_struct_conn_angle.ptnr2_symmetry 
_pdbx_struct_conn_angle.ptnr3_label_atom_id 
_pdbx_struct_conn_angle.ptnr3_label_alt_id 
_pdbx_struct_conn_angle.ptnr3_label_asym_id 
_pdbx_struct_conn_angle.ptnr3_label_comp_id 
_pdbx_struct_conn_angle.ptnr3_label_seq_id 
_pdbx_struct_conn_angle.ptnr3_auth_atom_id 
_pdbx_struct_conn_angle.ptnr3_auth_asym_id 
_pdbx_struct_conn_angle.ptnr3_auth_comp_id 
_pdbx_struct_conn_angle.ptnr3_auth_seq_id 
_pdbx_struct_conn_angle.ptnr3_PDB_ins_code 
_pdbx_struct_conn_angle.ptnr3_symmetry 
_pdbx_struct_conn_angle.value 
_pdbx_struct_conn_angle.value_esd 
1  O4 ? A U   4 ? A U   4  ? 1_555 NA ? C NA . ? A NA 14 ? 1_555 O4 ? A U   5 ? A U   5  ? 1_555 73.0  ? 
2  O4 ? A U   4 ? A U   4  ? 1_555 NA ? C NA . ? A NA 14 ? 1_555 O  ? H HOH . ? A HOH 37 ? 1_555 141.1 ? 
3  O4 ? A U   5 ? A U   5  ? 1_555 NA ? C NA . ? A NA 14 ? 1_555 O  ? H HOH . ? A HOH 37 ? 1_555 75.2  ? 
4  O4 ? A U   4 ? A U   4  ? 1_555 NA ? C NA . ? A NA 14 ? 1_555 O  ? H HOH . ? A HOH 48 ? 1_555 96.2  ? 
5  O4 ? A U   5 ? A U   5  ? 1_555 NA ? C NA . ? A NA 14 ? 1_555 O  ? H HOH . ? A HOH 48 ? 1_555 155.0 ? 
6  O  ? H HOH . ? A HOH 37 ? 1_555 NA ? C NA . ? A NA 14 ? 1_555 O  ? H HOH . ? A HOH 48 ? 1_555 121.6 ? 
7  O4 ? A U   4 ? A U   4  ? 1_555 NA ? C NA . ? A NA 14 ? 1_555 O  ? H HOH . ? A HOH 51 ? 1_555 109.1 ? 
8  O4 ? A U   5 ? A U   5  ? 1_555 NA ? C NA . ? A NA 14 ? 1_555 O  ? H HOH . ? A HOH 51 ? 1_555 87.1  ? 
9  O  ? H HOH . ? A HOH 37 ? 1_555 NA ? C NA . ? A NA 14 ? 1_555 O  ? H HOH . ? A HOH 51 ? 1_555 91.1  ? 
10 O  ? H HOH . ? A HOH 48 ? 1_555 NA ? C NA . ? A NA 14 ? 1_555 O  ? H HOH . ? A HOH 51 ? 1_555 75.1  ? 
11 O4 ? A U   4 ? A U   4  ? 1_555 NA ? C NA . ? A NA 14 ? 1_555 O  ? I HOH . ? B HOH 69 ? 1_555 75.8  ? 
12 O4 ? A U   5 ? A U   5  ? 1_555 NA ? C NA . ? A NA 14 ? 1_555 O  ? I HOH . ? B HOH 69 ? 1_555 100.1 ? 
13 O  ? H HOH . ? A HOH 37 ? 1_555 NA ? C NA . ? A NA 14 ? 1_555 O  ? I HOH . ? B HOH 69 ? 1_555 88.3  ? 
14 O  ? H HOH . ? A HOH 48 ? 1_555 NA ? C NA . ? A NA 14 ? 1_555 O  ? I HOH . ? B HOH 69 ? 1_555 98.8  ? 
15 O  ? H HOH . ? A HOH 51 ? 1_555 NA ? C NA . ? A NA 14 ? 1_555 O  ? I HOH . ? B HOH 69 ? 1_555 172.4 ? 
16 N7 ? A G   7 ? A G   7  ? 1_555 NA ? D NA . ? A NA 15 ? 1_555 O  ? H HOH . ? A HOH 31 ? 1_555 99.8  ? 
17 N7 ? A G   7 ? A G   7  ? 1_555 NA ? D NA . ? A NA 15 ? 1_555 O  ? H HOH . ? A HOH 55 ? 1_555 88.9  ? 
18 O  ? H HOH . ? A HOH 31 ? 1_555 NA ? D NA . ? A NA 15 ? 1_555 O  ? H HOH . ? A HOH 55 ? 1_555 166.0 ? 
19 N7 ? A G   7 ? A G   7  ? 1_555 NA ? D NA . ? A NA 15 ? 1_555 O  ? H HOH . ? A HOH 65 ? 1_555 98.7  ? 
20 O  ? H HOH . ? A HOH 31 ? 1_555 NA ? D NA . ? A NA 15 ? 1_555 O  ? H HOH . ? A HOH 65 ? 1_555 84.5  ? 
21 O  ? H HOH . ? A HOH 55 ? 1_555 NA ? D NA . ? A NA 15 ? 1_555 O  ? H HOH . ? A HOH 65 ? 1_555 83.4  ? 
22 N7 ? A G   7 ? A G   7  ? 1_555 NA ? D NA . ? A NA 15 ? 1_555 O  ? H HOH . ? A HOH 67 ? 1_555 171.1 ? 
23 O  ? H HOH . ? A HOH 31 ? 1_555 NA ? D NA . ? A NA 15 ? 1_555 O  ? H HOH . ? A HOH 67 ? 1_555 88.8  ? 
24 O  ? H HOH . ? A HOH 55 ? 1_555 NA ? D NA . ? A NA 15 ? 1_555 O  ? H HOH . ? A HOH 67 ? 1_555 83.1  ? 
25 O  ? H HOH . ? A HOH 65 ? 1_555 NA ? D NA . ? A NA 15 ? 1_555 O  ? H HOH . ? A HOH 67 ? 1_555 84.1  ? 
26 N7 ? A G   7 ? A G   7  ? 1_555 NA ? D NA . ? A NA 15 ? 1_555 O  ? H HOH . ? A HOH 83 ? 1_555 84.1  ? 
27 O  ? H HOH . ? A HOH 31 ? 1_555 NA ? D NA . ? A NA 15 ? 1_555 O  ? H HOH . ? A HOH 83 ? 1_555 93.5  ? 
28 O  ? H HOH . ? A HOH 55 ? 1_555 NA ? D NA . ? A NA 15 ? 1_555 O  ? H HOH . ? A HOH 83 ? 1_555 98.4  ? 
29 O  ? H HOH . ? A HOH 65 ? 1_555 NA ? D NA . ? A NA 15 ? 1_555 O  ? H HOH . ? A HOH 83 ? 1_555 176.7 ? 
30 O  ? H HOH . ? A HOH 67 ? 1_555 NA ? D NA . ? A NA 15 ? 1_555 O  ? H HOH . ? A HOH 83 ? 1_555 93.3  ? 
31 N7 ? A A   9 ? A A   9  ? 1_555 NA ? E NA . ? A NA 16 ? 1_555 O  ? H HOH . ? A HOH 50 ? 1_555 93.4  ? 
32 N7 ? A A   9 ? A A   9  ? 1_555 NA ? E NA . ? A NA 16 ? 1_555 O  ? H HOH . ? A HOH 64 ? 1_555 93.0  ? 
33 O  ? H HOH . ? A HOH 50 ? 1_555 NA ? E NA . ? A NA 16 ? 1_555 O  ? H HOH . ? A HOH 64 ? 1_555 82.4  ? 
34 N7 ? A A   9 ? A A   9  ? 1_555 NA ? E NA . ? A NA 16 ? 1_555 O  ? H HOH . ? A HOH 73 ? 1_555 82.2  ? 
35 O  ? H HOH . ? A HOH 50 ? 1_555 NA ? E NA . ? A NA 16 ? 1_555 O  ? H HOH . ? A HOH 73 ? 1_555 168.1 ? 
36 O  ? H HOH . ? A HOH 64 ? 1_555 NA ? E NA . ? A NA 16 ? 1_555 O  ? H HOH . ? A HOH 73 ? 1_555 86.8  ? 
37 N7 ? A A   9 ? A A   9  ? 1_555 NA ? E NA . ? A NA 16 ? 1_555 O  ? H HOH . ? A HOH 75 ? 1_555 167.5 ? 
38 O  ? H HOH . ? A HOH 50 ? 1_555 NA ? E NA . ? A NA 16 ? 1_555 O  ? H HOH . ? A HOH 75 ? 1_555 92.2  ? 
39 O  ? H HOH . ? A HOH 64 ? 1_555 NA ? E NA . ? A NA 16 ? 1_555 O  ? H HOH . ? A HOH 75 ? 1_555 76.7  ? 
40 O  ? H HOH . ? A HOH 73 ? 1_555 NA ? E NA . ? A NA 16 ? 1_555 O  ? H HOH . ? A HOH 75 ? 1_555 90.1  ? 
41 O  ? H HOH . ? A HOH 23 ? 1_555 MN ? F MN . ? A MN 17 ? 1_555 O  ? H HOH . ? A HOH 30 ? 1_555 86.4  ? 
42 O  ? H HOH . ? A HOH 23 ? 1_555 MN ? F MN . ? A MN 17 ? 1_555 O  ? H HOH . ? A HOH 59 ? 1_555 93.5  ? 
43 O  ? H HOH . ? A HOH 30 ? 1_555 MN ? F MN . ? A MN 17 ? 1_555 O  ? H HOH . ? A HOH 59 ? 1_555 170.0 ? 
44 O4 ? B U   4 ? B U   17 ? 1_555 NA ? G NA . ? B NA 1  ? 1_555 O4 ? B U   5 ? B U   18 ? 1_555 81.9  ? 
45 O4 ? B U   4 ? B U   17 ? 1_555 NA ? G NA . ? B NA 1  ? 1_555 O  ? I HOH . ? B HOH 42 ? 1_555 153.8 ? 
46 O4 ? B U   5 ? B U   18 ? 1_555 NA ? G NA . ? B NA 1  ? 1_555 O  ? I HOH . ? B HOH 42 ? 1_555 76.3  ? 
47 O4 ? B U   4 ? B U   17 ? 1_555 NA ? G NA . ? B NA 1  ? 1_555 O  ? I HOH . ? B HOH 61 ? 1_555 100.3 ? 
48 O4 ? B U   5 ? B U   18 ? 1_555 NA ? G NA . ? B NA 1  ? 1_555 O  ? I HOH . ? B HOH 61 ? 1_555 165.3 ? 
49 O  ? I HOH . ? B HOH 42 ? 1_555 NA ? G NA . ? B NA 1  ? 1_555 O  ? I HOH . ? B HOH 61 ? 1_555 104.4 ? 
50 O4 ? B U   4 ? B U   17 ? 1_555 NA ? G NA . ? B NA 1  ? 1_555 O  ? I HOH . ? B HOH 62 ? 1_555 101.9 ? 
51 O4 ? B U   5 ? B U   18 ? 1_555 NA ? G NA . ? B NA 1  ? 1_555 O  ? I HOH . ? B HOH 62 ? 1_555 85.5  ? 
52 O  ? I HOH . ? B HOH 42 ? 1_555 NA ? G NA . ? B NA 1  ? 1_555 O  ? I HOH . ? B HOH 62 ? 1_555 90.7  ? 
53 O  ? I HOH . ? B HOH 61 ? 1_555 NA ? G NA . ? B NA 1  ? 1_555 O  ? I HOH . ? B HOH 62 ? 1_555 79.8  ? 
# 
loop_
_chem_comp_atom.comp_id 
_chem_comp_atom.atom_id 
_chem_comp_atom.type_symbol 
_chem_comp_atom.pdbx_aromatic_flag 
_chem_comp_atom.pdbx_stereo_config 
_chem_comp_atom.pdbx_ordinal 
A   OP3    O  N N 1   
A   P      P  N N 2   
A   OP1    O  N N 3   
A   OP2    O  N N 4   
A   "O5'"  O  N N 5   
A   "C5'"  C  N N 6   
A   "C4'"  C  N R 7   
A   "O4'"  O  N N 8   
A   "C3'"  C  N S 9   
A   "O3'"  O  N N 10  
A   "C2'"  C  N R 11  
A   "O2'"  O  N N 12  
A   "C1'"  C  N R 13  
A   N9     N  Y N 14  
A   C8     C  Y N 15  
A   N7     N  Y N 16  
A   C5     C  Y N 17  
A   C6     C  Y N 18  
A   N6     N  N N 19  
A   N1     N  Y N 20  
A   C2     C  Y N 21  
A   N3     N  Y N 22  
A   C4     C  Y N 23  
A   HOP3   H  N N 24  
A   HOP2   H  N N 25  
A   "H5'"  H  N N 26  
A   "H5''" H  N N 27  
A   "H4'"  H  N N 28  
A   "H3'"  H  N N 29  
A   "HO3'" H  N N 30  
A   "H2'"  H  N N 31  
A   "HO2'" H  N N 32  
A   "H1'"  H  N N 33  
A   H8     H  N N 34  
A   H61    H  N N 35  
A   H62    H  N N 36  
A   H2     H  N N 37  
C   OP3    O  N N 38  
C   P      P  N N 39  
C   OP1    O  N N 40  
C   OP2    O  N N 41  
C   "O5'"  O  N N 42  
C   "C5'"  C  N N 43  
C   "C4'"  C  N R 44  
C   "O4'"  O  N N 45  
C   "C3'"  C  N S 46  
C   "O3'"  O  N N 47  
C   "C2'"  C  N R 48  
C   "O2'"  O  N N 49  
C   "C1'"  C  N R 50  
C   N1     N  N N 51  
C   C2     C  N N 52  
C   O2     O  N N 53  
C   N3     N  N N 54  
C   C4     C  N N 55  
C   N4     N  N N 56  
C   C5     C  N N 57  
C   C6     C  N N 58  
C   HOP3   H  N N 59  
C   HOP2   H  N N 60  
C   "H5'"  H  N N 61  
C   "H5''" H  N N 62  
C   "H4'"  H  N N 63  
C   "H3'"  H  N N 64  
C   "HO3'" H  N N 65  
C   "H2'"  H  N N 66  
C   "HO2'" H  N N 67  
C   "H1'"  H  N N 68  
C   H41    H  N N 69  
C   H42    H  N N 70  
C   H5     H  N N 71  
C   H6     H  N N 72  
G   OP3    O  N N 73  
G   P      P  N N 74  
G   OP1    O  N N 75  
G   OP2    O  N N 76  
G   "O5'"  O  N N 77  
G   "C5'"  C  N N 78  
G   "C4'"  C  N R 79  
G   "O4'"  O  N N 80  
G   "C3'"  C  N S 81  
G   "O3'"  O  N N 82  
G   "C2'"  C  N R 83  
G   "O2'"  O  N N 84  
G   "C1'"  C  N R 85  
G   N9     N  Y N 86  
G   C8     C  Y N 87  
G   N7     N  Y N 88  
G   C5     C  Y N 89  
G   C6     C  N N 90  
G   O6     O  N N 91  
G   N1     N  N N 92  
G   C2     C  N N 93  
G   N2     N  N N 94  
G   N3     N  N N 95  
G   C4     C  Y N 96  
G   HOP3   H  N N 97  
G   HOP2   H  N N 98  
G   "H5'"  H  N N 99  
G   "H5''" H  N N 100 
G   "H4'"  H  N N 101 
G   "H3'"  H  N N 102 
G   "HO3'" H  N N 103 
G   "H2'"  H  N N 104 
G   "HO2'" H  N N 105 
G   "H1'"  H  N N 106 
G   H8     H  N N 107 
G   H1     H  N N 108 
G   H21    H  N N 109 
G   H22    H  N N 110 
HOH O      O  N N 111 
HOH H1     H  N N 112 
HOH H2     H  N N 113 
MN  MN     MN N N 114 
NA  NA     NA N N 115 
U   OP3    O  N N 116 
U   P      P  N N 117 
U   OP1    O  N N 118 
U   OP2    O  N N 119 
U   "O5'"  O  N N 120 
U   "C5'"  C  N N 121 
U   "C4'"  C  N R 122 
U   "O4'"  O  N N 123 
U   "C3'"  C  N S 124 
U   "O3'"  O  N N 125 
U   "C2'"  C  N R 126 
U   "O2'"  O  N N 127 
U   "C1'"  C  N R 128 
U   N1     N  N N 129 
U   C2     C  N N 130 
U   O2     O  N N 131 
U   N3     N  N N 132 
U   C4     C  N N 133 
U   O4     O  N N 134 
U   C5     C  N N 135 
U   C6     C  N N 136 
U   HOP3   H  N N 137 
U   HOP2   H  N N 138 
U   "H5'"  H  N N 139 
U   "H5''" H  N N 140 
U   "H4'"  H  N N 141 
U   "H3'"  H  N N 142 
U   "HO3'" H  N N 143 
U   "H2'"  H  N N 144 
U   "HO2'" H  N N 145 
U   "H1'"  H  N N 146 
U   H3     H  N N 147 
U   H5     H  N N 148 
U   H6     H  N N 149 
# 
loop_
_chem_comp_bond.comp_id 
_chem_comp_bond.atom_id_1 
_chem_comp_bond.atom_id_2 
_chem_comp_bond.value_order 
_chem_comp_bond.pdbx_aromatic_flag 
_chem_comp_bond.pdbx_stereo_config 
_chem_comp_bond.pdbx_ordinal 
A   OP3   P      sing N N 1   
A   OP3   HOP3   sing N N 2   
A   P     OP1    doub N N 3   
A   P     OP2    sing N N 4   
A   P     "O5'"  sing N N 5   
A   OP2   HOP2   sing N N 6   
A   "O5'" "C5'"  sing N N 7   
A   "C5'" "C4'"  sing N N 8   
A   "C5'" "H5'"  sing N N 9   
A   "C5'" "H5''" sing N N 10  
A   "C4'" "O4'"  sing N N 11  
A   "C4'" "C3'"  sing N N 12  
A   "C4'" "H4'"  sing N N 13  
A   "O4'" "C1'"  sing N N 14  
A   "C3'" "O3'"  sing N N 15  
A   "C3'" "C2'"  sing N N 16  
A   "C3'" "H3'"  sing N N 17  
A   "O3'" "HO3'" sing N N 18  
A   "C2'" "O2'"  sing N N 19  
A   "C2'" "C1'"  sing N N 20  
A   "C2'" "H2'"  sing N N 21  
A   "O2'" "HO2'" sing N N 22  
A   "C1'" N9     sing N N 23  
A   "C1'" "H1'"  sing N N 24  
A   N9    C8     sing Y N 25  
A   N9    C4     sing Y N 26  
A   C8    N7     doub Y N 27  
A   C8    H8     sing N N 28  
A   N7    C5     sing Y N 29  
A   C5    C6     sing Y N 30  
A   C5    C4     doub Y N 31  
A   C6    N6     sing N N 32  
A   C6    N1     doub Y N 33  
A   N6    H61    sing N N 34  
A   N6    H62    sing N N 35  
A   N1    C2     sing Y N 36  
A   C2    N3     doub Y N 37  
A   C2    H2     sing N N 38  
A   N3    C4     sing Y N 39  
C   OP3   P      sing N N 40  
C   OP3   HOP3   sing N N 41  
C   P     OP1    doub N N 42  
C   P     OP2    sing N N 43  
C   P     "O5'"  sing N N 44  
C   OP2   HOP2   sing N N 45  
C   "O5'" "C5'"  sing N N 46  
C   "C5'" "C4'"  sing N N 47  
C   "C5'" "H5'"  sing N N 48  
C   "C5'" "H5''" sing N N 49  
C   "C4'" "O4'"  sing N N 50  
C   "C4'" "C3'"  sing N N 51  
C   "C4'" "H4'"  sing N N 52  
C   "O4'" "C1'"  sing N N 53  
C   "C3'" "O3'"  sing N N 54  
C   "C3'" "C2'"  sing N N 55  
C   "C3'" "H3'"  sing N N 56  
C   "O3'" "HO3'" sing N N 57  
C   "C2'" "O2'"  sing N N 58  
C   "C2'" "C1'"  sing N N 59  
C   "C2'" "H2'"  sing N N 60  
C   "O2'" "HO2'" sing N N 61  
C   "C1'" N1     sing N N 62  
C   "C1'" "H1'"  sing N N 63  
C   N1    C2     sing N N 64  
C   N1    C6     sing N N 65  
C   C2    O2     doub N N 66  
C   C2    N3     sing N N 67  
C   N3    C4     doub N N 68  
C   C4    N4     sing N N 69  
C   C4    C5     sing N N 70  
C   N4    H41    sing N N 71  
C   N4    H42    sing N N 72  
C   C5    C6     doub N N 73  
C   C5    H5     sing N N 74  
C   C6    H6     sing N N 75  
G   OP3   P      sing N N 76  
G   OP3   HOP3   sing N N 77  
G   P     OP1    doub N N 78  
G   P     OP2    sing N N 79  
G   P     "O5'"  sing N N 80  
G   OP2   HOP2   sing N N 81  
G   "O5'" "C5'"  sing N N 82  
G   "C5'" "C4'"  sing N N 83  
G   "C5'" "H5'"  sing N N 84  
G   "C5'" "H5''" sing N N 85  
G   "C4'" "O4'"  sing N N 86  
G   "C4'" "C3'"  sing N N 87  
G   "C4'" "H4'"  sing N N 88  
G   "O4'" "C1'"  sing N N 89  
G   "C3'" "O3'"  sing N N 90  
G   "C3'" "C2'"  sing N N 91  
G   "C3'" "H3'"  sing N N 92  
G   "O3'" "HO3'" sing N N 93  
G   "C2'" "O2'"  sing N N 94  
G   "C2'" "C1'"  sing N N 95  
G   "C2'" "H2'"  sing N N 96  
G   "O2'" "HO2'" sing N N 97  
G   "C1'" N9     sing N N 98  
G   "C1'" "H1'"  sing N N 99  
G   N9    C8     sing Y N 100 
G   N9    C4     sing Y N 101 
G   C8    N7     doub Y N 102 
G   C8    H8     sing N N 103 
G   N7    C5     sing Y N 104 
G   C5    C6     sing N N 105 
G   C5    C4     doub Y N 106 
G   C6    O6     doub N N 107 
G   C6    N1     sing N N 108 
G   N1    C2     sing N N 109 
G   N1    H1     sing N N 110 
G   C2    N2     sing N N 111 
G   C2    N3     doub N N 112 
G   N2    H21    sing N N 113 
G   N2    H22    sing N N 114 
G   N3    C4     sing N N 115 
HOH O     H1     sing N N 116 
HOH O     H2     sing N N 117 
U   OP3   P      sing N N 118 
U   OP3   HOP3   sing N N 119 
U   P     OP1    doub N N 120 
U   P     OP2    sing N N 121 
U   P     "O5'"  sing N N 122 
U   OP2   HOP2   sing N N 123 
U   "O5'" "C5'"  sing N N 124 
U   "C5'" "C4'"  sing N N 125 
U   "C5'" "H5'"  sing N N 126 
U   "C5'" "H5''" sing N N 127 
U   "C4'" "O4'"  sing N N 128 
U   "C4'" "C3'"  sing N N 129 
U   "C4'" "H4'"  sing N N 130 
U   "O4'" "C1'"  sing N N 131 
U   "C3'" "O3'"  sing N N 132 
U   "C3'" "C2'"  sing N N 133 
U   "C3'" "H3'"  sing N N 134 
U   "O3'" "HO3'" sing N N 135 
U   "C2'" "O2'"  sing N N 136 
U   "C2'" "C1'"  sing N N 137 
U   "C2'" "H2'"  sing N N 138 
U   "O2'" "HO2'" sing N N 139 
U   "C1'" N1     sing N N 140 
U   "C1'" "H1'"  sing N N 141 
U   N1    C2     sing N N 142 
U   N1    C6     sing N N 143 
U   C2    O2     doub N N 144 
U   C2    N3     sing N N 145 
U   N3    C4     sing N N 146 
U   N3    H3     sing N N 147 
U   C4    O4     doub N N 148 
U   C4    C5     sing N N 149 
U   C5    C6     doub N N 150 
U   C5    H5     sing N N 151 
U   C6    H6     sing N N 152 
# 
loop_
_ndb_struct_conf_na.entry_id 
_ndb_struct_conf_na.feature 
2R22 'double helix'         
2R22 'a-form double helix'  
2R22 'mismatched base pair' 
# 
loop_
_ndb_struct_na_base_pair.model_number 
_ndb_struct_na_base_pair.i_label_asym_id 
_ndb_struct_na_base_pair.i_label_comp_id 
_ndb_struct_na_base_pair.i_label_seq_id 
_ndb_struct_na_base_pair.i_symmetry 
_ndb_struct_na_base_pair.j_label_asym_id 
_ndb_struct_na_base_pair.j_label_comp_id 
_ndb_struct_na_base_pair.j_label_seq_id 
_ndb_struct_na_base_pair.j_symmetry 
_ndb_struct_na_base_pair.shear 
_ndb_struct_na_base_pair.stretch 
_ndb_struct_na_base_pair.stagger 
_ndb_struct_na_base_pair.buckle 
_ndb_struct_na_base_pair.propeller 
_ndb_struct_na_base_pair.opening 
_ndb_struct_na_base_pair.pair_number 
_ndb_struct_na_base_pair.pair_name 
_ndb_struct_na_base_pair.i_auth_asym_id 
_ndb_struct_na_base_pair.i_auth_seq_id 
_ndb_struct_na_base_pair.i_PDB_ins_code 
_ndb_struct_na_base_pair.j_auth_asym_id 
_ndb_struct_na_base_pair.j_auth_seq_id 
_ndb_struct_na_base_pair.j_PDB_ins_code 
_ndb_struct_na_base_pair.hbond_type_28 
_ndb_struct_na_base_pair.hbond_type_12 
1 A G 1  1_555 B C 13 1_555 -0.243 -0.059 0.057  -4.365 -8.135  0.632   1  A_G1:C26_B  A 1  ? B 26 ? 19 1 
1 A C 2  1_555 B G 12 1_555 0.141  -0.220 0.112  0.996  -15.762 0.573   2  A_C2:G25_B  A 2  ? B 25 ? 19 1 
1 A G 3  1_555 B C 11 1_555 -0.202 -0.192 0.029  -7.557 -16.598 -2.633  3  A_G3:C24_B  A 3  ? B 24 ? 19 1 
1 A U 4  1_555 B A 10 1_555 0.136  -0.083 0.195  -2.373 -7.135  2.516   4  A_U4:A23_B  A 4  ? B 23 ? 20 1 
1 A U 5  1_555 B A 9  1_555 -0.002 -0.093 0.080  8.306  -10.922 8.223   5  A_U5:A22_B  A 5  ? B 22 ? 20 1 
1 A U 6  1_555 B A 8  1_555 -0.207 -0.093 0.020  -1.688 -8.512  0.176   6  A_U6:A21_B  A 6  ? B 21 ? 20 1 
1 A G 7  1_555 B G 7  1_555 1.622  3.531  0.189  -8.775 3.963   -87.981 7  A_G7:G20_B  A 7  ? B 20 ? 6  ? 
1 A A 8  1_555 B U 6  1_555 0.094  -0.001 0.119  6.441  1.685   -2.519  8  A_A8:U19_B  A 8  ? B 19 ? 20 1 
1 A A 9  1_555 B U 5  1_555 -0.087 -0.112 0.047  1.871  -15.788 5.588   9  A_A9:U18_B  A 9  ? B 18 ? 20 1 
1 A A 10 1_555 B U 4  1_555 -0.158 -0.126 -0.030 -1.138 -8.659  3.855   10 A_A10:U17_B A 10 ? B 17 ? 20 1 
1 A C 11 1_555 B G 3  1_555 0.434  -0.198 0.088  -0.751 -9.384  -0.638  11 A_C11:G16_B A 11 ? B 16 ? 19 1 
1 A G 12 1_555 B C 2  1_555 -0.108 -0.107 0.126  -0.729 -6.578  0.613   12 A_G12:C15_B A 12 ? B 15 ? 19 1 
1 A C 13 1_555 B G 1  1_555 0.212  -0.084 0.076  1.206  -3.229  1.113   13 A_C13:G14_B A 13 ? B 14 ? 19 1 
# 
loop_
_ndb_struct_na_base_pair_step.model_number 
_ndb_struct_na_base_pair_step.i_label_asym_id_1 
_ndb_struct_na_base_pair_step.i_label_comp_id_1 
_ndb_struct_na_base_pair_step.i_label_seq_id_1 
_ndb_struct_na_base_pair_step.i_symmetry_1 
_ndb_struct_na_base_pair_step.j_label_asym_id_1 
_ndb_struct_na_base_pair_step.j_label_comp_id_1 
_ndb_struct_na_base_pair_step.j_label_seq_id_1 
_ndb_struct_na_base_pair_step.j_symmetry_1 
_ndb_struct_na_base_pair_step.i_label_asym_id_2 
_ndb_struct_na_base_pair_step.i_label_comp_id_2 
_ndb_struct_na_base_pair_step.i_label_seq_id_2 
_ndb_struct_na_base_pair_step.i_symmetry_2 
_ndb_struct_na_base_pair_step.j_label_asym_id_2 
_ndb_struct_na_base_pair_step.j_label_comp_id_2 
_ndb_struct_na_base_pair_step.j_label_seq_id_2 
_ndb_struct_na_base_pair_step.j_symmetry_2 
_ndb_struct_na_base_pair_step.shift 
_ndb_struct_na_base_pair_step.slide 
_ndb_struct_na_base_pair_step.rise 
_ndb_struct_na_base_pair_step.tilt 
_ndb_struct_na_base_pair_step.roll 
_ndb_struct_na_base_pair_step.twist 
_ndb_struct_na_base_pair_step.x_displacement 
_ndb_struct_na_base_pair_step.y_displacement 
_ndb_struct_na_base_pair_step.helical_rise 
_ndb_struct_na_base_pair_step.inclination 
_ndb_struct_na_base_pair_step.tip 
_ndb_struct_na_base_pair_step.helical_twist 
_ndb_struct_na_base_pair_step.step_number 
_ndb_struct_na_base_pair_step.step_name 
_ndb_struct_na_base_pair_step.i_auth_asym_id_1 
_ndb_struct_na_base_pair_step.i_auth_seq_id_1 
_ndb_struct_na_base_pair_step.i_PDB_ins_code_1 
_ndb_struct_na_base_pair_step.j_auth_asym_id_1 
_ndb_struct_na_base_pair_step.j_auth_seq_id_1 
_ndb_struct_na_base_pair_step.j_PDB_ins_code_1 
_ndb_struct_na_base_pair_step.i_auth_asym_id_2 
_ndb_struct_na_base_pair_step.i_auth_seq_id_2 
_ndb_struct_na_base_pair_step.i_PDB_ins_code_2 
_ndb_struct_na_base_pair_step.j_auth_asym_id_2 
_ndb_struct_na_base_pair_step.j_auth_seq_id_2 
_ndb_struct_na_base_pair_step.j_PDB_ins_code_2 
1 A G 1  1_555 B C 13 1_555 A C 2  1_555 B G 12 1_555 -0.541 -1.509 3.168 -2.447 1.686  34.154  -2.815 0.548  3.122 2.864  4.156  
34.279  1  AA_G1C2:G25C26_BB   A 1  ? B 26 ? A 2  ? B 25 ? 
1 A C 2  1_555 B G 12 1_555 A G 3  1_555 B C 11 1_555 -0.115 -1.686 3.355 1.399  14.221 30.490  -5.052 0.409  2.351 25.365 -2.495 
33.601  2  AA_C2G3:C24G25_BB   A 2  ? B 25 ? A 3  ? B 24 ? 
1 A G 3  1_555 B C 11 1_555 A U 4  1_555 B A 10 1_555 0.822  -1.628 3.185 1.038  4.960  29.517  -4.114 -1.390 2.905 9.646  -2.018 
29.939  3  AA_G3U4:A23C24_BB   A 3  ? B 24 ? A 4  ? B 23 ? 
1 A U 4  1_555 B A 10 1_555 A U 5  1_555 B A 9  1_555 0.699  -1.519 3.054 0.790  2.951  29.273  -3.567 -1.222 2.908 5.819  -1.558 
29.429  4  AA_U4U5:A22A23_BB   A 4  ? B 23 ? A 5  ? B 22 ? 
1 A U 5  1_555 B A 9  1_555 A U 6  1_555 B A 8  1_555 -0.943 -1.931 3.384 -1.831 12.438 32.673  -4.981 1.310  2.550 21.159 3.115  
34.947  5  AA_U5U6:A21A22_BB   A 5  ? B 22 ? A 6  ? B 21 ? 
1 A U 6  1_555 B A 8  1_555 A G 7  1_555 B G 7  1_555 0.961  -3.323 3.071 6.507  5.290  80.608  -2.685 -0.585 2.944 4.079  -5.018 
80.969  6  AA_U6G7:G20A21_BB   A 6  ? B 21 ? A 7  ? B 20 ? 
1 A G 7  1_555 B G 7  1_555 A A 8  1_555 B U 6  1_555 -1.349 0.388  3.044 0.437  2.406  -25.376 -1.519 -2.941 3.017 -5.460 0.992  
-25.491 7  AA_G7A8:U19G20_BB   A 7  ? B 20 ? A 8  ? B 19 ? 
1 A A 8  1_555 B U 6  1_555 A A 9  1_555 B U 5  1_555 0.867  -1.981 3.372 0.624  8.653  30.436  -5.161 -1.482 2.736 16.077 -1.159 
31.620  8  AA_A8A9:U18U19_BB   A 8  ? B 19 ? A 9  ? B 18 ? 
1 A A 9  1_555 B U 5  1_555 A A 10 1_555 B U 4  1_555 -1.027 -1.798 3.248 -3.943 9.273  32.968  -4.393 1.159  2.758 15.884 6.755  
34.433  9  AA_A9A10:U17U18_BB  A 9  ? B 18 ? A 10 ? B 17 ? 
1 A A 10 1_555 B U 4  1_555 A C 11 1_555 B G 3  1_555 -0.306 -1.604 3.269 -0.305 7.005  31.803  -4.021 0.495  2.863 12.593 0.548  
32.548  10 AA_A10C11:G16U17_BB A 10 ? B 17 ? A 11 ? B 16 ? 
1 A C 11 1_555 B G 3  1_555 A G 12 1_555 B C 2  1_555 0.635  -1.816 3.128 1.429  7.209  29.256  -4.809 -0.959 2.642 13.996 -2.775 
30.145  11 AA_C11G12:C15G16_BB A 11 ? B 16 ? A 12 ? B 15 ? 
1 A G 12 1_555 B C 2  1_555 A C 13 1_555 B G 1  1_555 0.273  -2.088 3.286 1.219  -0.285 32.361  -3.693 -0.273 3.312 -0.511 -2.186 
32.384  12 AA_G12C13:G14C15_BB A 12 ? B 15 ? A 13 ? B 14 ? 
# 
_atom_sites.entry_id                    2R22 
_atom_sites.fract_transf_matrix[1][1]   -0.03667893 
_atom_sites.fract_transf_matrix[1][2]   0.01410057 
_atom_sites.fract_transf_matrix[1][3]   0.01670786 
_atom_sites.fract_transf_matrix[2][1]   -0.01035012 
_atom_sites.fract_transf_matrix[2][2]   -0.02827207 
_atom_sites.fract_transf_matrix[2][3]   0.02774846 
_atom_sites.fract_transf_matrix[3][1]   0.00702316 
_atom_sites.fract_transf_matrix[3][2]   0.01696216 
_atom_sites.fract_transf_matrix[3][3]   0.03104843 
_atom_sites.fract_transf_vector[1]      -0.181840 
_atom_sites.fract_transf_vector[2]      -0.045339 
_atom_sites.fract_transf_vector[3]      0.072921 
# 
loop_
_atom_type.symbol 
C  
MN 
N  
NA 
O  
P  
# 
loop_
_atom_site.group_PDB 
_atom_site.id 
_atom_site.type_symbol 
_atom_site.label_atom_id 
_atom_site.label_alt_id 
_atom_site.label_comp_id 
_atom_site.label_asym_id 
_atom_site.label_entity_id 
_atom_site.label_seq_id 
_atom_site.pdbx_PDB_ins_code 
_atom_site.Cartn_x 
_atom_site.Cartn_y 
_atom_site.Cartn_z 
_atom_site.occupancy 
_atom_site.B_iso_or_equiv 
_atom_site.pdbx_formal_charge 
_atom_site.auth_seq_id 
_atom_site.auth_comp_id 
_atom_site.auth_asym_id 
_atom_site.auth_atom_id 
_atom_site.pdbx_PDB_model_num 
ATOM   1   O  "O5'" . G   A 1 1  ? 0.557   -1.071  14.877  1.00 16.76 ? 1   G   A "O5'" 1 
ATOM   2   C  "C5'" . G   A 1 1  ? 1.404   -2.065  15.464  1.00 14.09 ? 1   G   A "C5'" 1 
ATOM   3   C  "C4'" . G   A 1 1  ? 0.646   -3.317  15.835  1.00 12.33 ? 1   G   A "C4'" 1 
ATOM   4   O  "O4'" . G   A 1 1  ? -0.424  -2.976  16.756  1.00 13.00 ? 1   G   A "O4'" 1 
ATOM   5   C  "C3'" . G   A 1 1  ? -0.053  -4.021  14.684  1.00 12.10 ? 1   G   A "C3'" 1 
ATOM   6   O  "O3'" . G   A 1 1  ? 0.849   -4.906  14.032  1.00 13.24 ? 1   G   A "O3'" 1 
ATOM   7   C  "C2'" . G   A 1 1  ? -1.153  -4.782  15.410  1.00 12.69 ? 1   G   A "C2'" 1 
ATOM   8   O  "O2'" . G   A 1 1  ? -0.652  -5.927  16.068  1.00 12.84 ? 1   G   A "O2'" 1 
ATOM   9   C  "C1'" . G   A 1 1  ? -1.570  -3.761  16.470  1.00 11.53 ? 1   G   A "C1'" 1 
ATOM   10  N  N9    . G   A 1 1  ? -2.637  -2.860  16.046  1.00 10.11 ? 1   G   A N9    1 
ATOM   11  C  C8    . G   A 1 1  ? -2.534  -1.506  15.840  1.00 9.36  ? 1   G   A C8    1 
ATOM   12  N  N7    . G   A 1 1  ? -3.665  -0.950  15.506  1.00 11.49 ? 1   G   A N7    1 
ATOM   13  C  C5    . G   A 1 1  ? -4.572  -2.001  15.482  1.00 9.81  ? 1   G   A C5    1 
ATOM   14  C  C6    . G   A 1 1  ? -5.960  -2.008  15.199  1.00 9.12  ? 1   G   A C6    1 
ATOM   15  O  O6    . G   A 1 1  ? -6.693  -1.051  14.915  1.00 11.23 ? 1   G   A O6    1 
ATOM   16  N  N1    . G   A 1 1  ? -6.492  -3.292  15.277  1.00 9.16  ? 1   G   A N1    1 
ATOM   17  C  C2    . G   A 1 1  ? -5.778  -4.424  15.588  1.00 8.50  ? 1   G   A C2    1 
ATOM   18  N  N2    . G   A 1 1  ? -6.468  -5.573  15.594  1.00 9.79  ? 1   G   A N2    1 
ATOM   19  N  N3    . G   A 1 1  ? -4.483  -4.429  15.868  1.00 9.88  ? 1   G   A N3    1 
ATOM   20  C  C4    . G   A 1 1  ? -3.949  -3.191  15.796  1.00 9.60  ? 1   G   A C4    1 
ATOM   21  P  P     . C   A 1 2  ? 0.656   -5.240  12.473  1.00 12.97 ? 2   C   A P     1 
ATOM   22  O  OP1   . C   A 1 2  ? 1.840   -6.044  12.070  1.00 14.30 ? 2   C   A OP1   1 
ATOM   23  O  OP2   . C   A 1 2  ? 0.337   -3.985  11.747  1.00 14.21 ? 2   C   A OP2   1 
ATOM   24  O  "O5'" . C   A 1 2  ? -0.630  -6.176  12.431  1.00 12.13 ? 2   C   A "O5'" 1 
ATOM   25  C  "C5'" . C   A 1 2  ? -0.610  -7.466  13.023  1.00 11.52 ? 2   C   A "C5'" 1 
ATOM   26  C  "C4'" . C   A 1 2  ? -1.969  -8.102  12.909  1.00 10.87 ? 2   C   A "C4'" 1 
ATOM   27  O  "O4'" . C   A 1 2  ? -2.926  -7.341  13.696  1.00 11.88 ? 2   C   A "O4'" 1 
ATOM   28  C  "C3'" . C   A 1 2  ? -2.568  -8.080  11.515  1.00 11.19 ? 2   C   A "C3'" 1 
ATOM   29  O  "O3'" . C   A 1 2  ? -2.056  -9.132  10.718  1.00 10.26 ? 2   C   A "O3'" 1 
ATOM   30  C  "C2'" . C   A 1 2  ? -4.047  -8.254  11.817  1.00 11.53 ? 2   C   A "C2'" 1 
ATOM   31  O  "O2'" . C   A 1 2  ? -4.368  -9.593  12.149  1.00 12.41 ? 2   C   A "O2'" 1 
ATOM   32  C  "C1'" . C   A 1 2  ? -4.190  -7.363  13.052  1.00 11.02 ? 2   C   A "C1'" 1 
ATOM   33  N  N1    . C   A 1 2  ? -4.555  -5.981  12.704  1.00 10.89 ? 2   C   A N1    1 
ATOM   34  C  C2    . C   A 1 2  ? -5.889  -5.702  12.442  1.00 10.40 ? 2   C   A C2    1 
ATOM   35  O  O2    . C   A 1 2  ? -6.708  -6.633  12.484  1.00 10.26 ? 2   C   A O2    1 
ATOM   36  N  N3    . C   A 1 2  ? -6.254  -4.432  12.149  1.00 10.56 ? 2   C   A N3    1 
ATOM   37  C  C4    . C   A 1 2  ? -5.332  -3.467  12.096  1.00 11.34 ? 2   C   A C4    1 
ATOM   38  N  N4    . C   A 1 2  ? -5.736  -2.226  11.809  1.00 12.99 ? 2   C   A N4    1 
ATOM   39  C  C5    . C   A 1 2  ? -3.954  -3.731  12.339  1.00 11.34 ? 2   C   A C5    1 
ATOM   40  C  C6    . C   A 1 2  ? -3.613  -4.991  12.639  1.00 9.80  ? 2   C   A C6    1 
ATOM   41  P  P     . G   A 1 3  ? -1.848  -8.901  9.145   1.00 9.77  ? 3   G   A P     1 
ATOM   42  O  OP1   . G   A 1 3  ? -1.183  -10.137 8.653   1.00 12.20 ? 3   G   A OP1   1 
ATOM   43  O  OP2   . G   A 1 3  ? -1.208  -7.585  8.913   1.00 10.73 ? 3   G   A OP2   1 
ATOM   44  O  "O5'" . G   A 1 3  ? -3.328  -8.845  8.565   1.00 11.06 ? 3   G   A "O5'" 1 
ATOM   45  C  "C5'" . G   A 1 3  ? -4.149  -10.001 8.584   1.00 11.10 ? 3   G   A "C5'" 1 
ATOM   46  C  "C4'" . G   A 1 3  ? -5.536  -9.671  8.094   1.00 10.83 ? 3   G   A "C4'" 1 
ATOM   47  O  "O4'" . G   A 1 3  ? -6.203  -8.802  9.048   1.00 10.37 ? 3   G   A "O4'" 1 
ATOM   48  C  "C3'" . G   A 1 3  ? -5.654  -8.880  6.805   1.00 11.02 ? 3   G   A "C3'" 1 
ATOM   49  O  "O3'" . G   A 1 3  ? -5.402  -9.669  5.653   1.00 10.93 ? 3   G   A "O3'" 1 
ATOM   50  C  "C2'" . G   A 1 3  ? -7.104  -8.429  6.893   1.00 10.19 ? 3   G   A "C2'" 1 
ATOM   51  O  "O2'" . G   A 1 3  ? -8.006  -9.490  6.646   1.00 10.98 ? 3   G   A "O2'" 1 
ATOM   52  C  "C1'" . G   A 1 3  ? -7.188  -8.036  8.369   1.00 10.21 ? 3   G   A "C1'" 1 
ATOM   53  N  N9    . G   A 1 3  ? -6.877  -6.620  8.529   1.00 8.97  ? 3   G   A N9    1 
ATOM   54  C  C8    . G   A 1 3  ? -5.667  -6.057  8.859   1.00 9.14  ? 3   G   A C8    1 
ATOM   55  N  N7    . G   A 1 3  ? -5.698  -4.751  8.868   1.00 9.87  ? 3   G   A N7    1 
ATOM   56  C  C5    . G   A 1 3  ? -7.010  -4.437  8.540   1.00 8.65  ? 3   G   A C5    1 
ATOM   57  C  C6    . G   A 1 3  ? -7.645  -3.178  8.389   1.00 7.70  ? 3   G   A C6    1 
ATOM   58  O  O6    . G   A 1 3  ? -7.154  -2.059  8.524   1.00 9.90  ? 3   G   A O6    1 
ATOM   59  N  N1    . G   A 1 3  ? -8.986  -3.315  8.041   1.00 9.40  ? 3   G   A N1    1 
ATOM   60  C  C2    . G   A 1 3  ? -9.636  -4.512  7.858   1.00 9.25  ? 3   G   A C2    1 
ATOM   61  N  N2    . G   A 1 3  ? -10.935 -4.445  7.510   1.00 9.45  ? 3   G   A N2    1 
ATOM   62  N  N3    . G   A 1 3  ? -9.055  -5.692  8.002   1.00 9.71  ? 3   G   A N3    1 
ATOM   63  C  C4    . G   A 1 3  ? -7.752  -5.580  8.338   1.00 9.61  ? 3   G   A C4    1 
ATOM   64  P  P     . U   A 1 4  ? -4.739  -8.984  4.357   1.00 10.69 ? 4   U   A P     1 
ATOM   65  O  OP1   . U   A 1 4  ? -4.536  -10.062 3.357   1.00 12.93 ? 4   U   A OP1   1 
ATOM   66  O  OP2   . U   A 1 4  ? -3.587  -8.152  4.776   1.00 10.80 ? 4   U   A OP2   1 
ATOM   67  O  "O5'" . U   A 1 4  ? -5.881  -8.020  3.807   1.00 10.95 ? 4   U   A "O5'" 1 
ATOM   68  C  "C5'" . U   A 1 4  ? -7.070  -8.582  3.269   1.00 10.57 ? 4   U   A "C5'" 1 
ATOM   69  C  "C4'" . U   A 1 4  ? -8.108  -7.518  3.022   1.00 10.35 ? 4   U   A "C4'" 1 
ATOM   70  O  "O4'" . U   A 1 4  ? -8.379  -6.800  4.256   1.00 9.58  ? 4   U   A "O4'" 1 
ATOM   71  C  "C3'" . U   A 1 4  ? -7.767  -6.399  2.054   1.00 8.98  ? 4   U   A "C3'" 1 
ATOM   72  O  "O3'" . U   A 1 4  ? -7.888  -6.834  0.706   1.00 9.49  ? 4   U   A "O3'" 1 
ATOM   73  C  "C2'" . U   A 1 4  ? -8.853  -5.396  2.415   1.00 8.39  ? 4   U   A "C2'" 1 
ATOM   74  O  "O2'" . U   A 1 4  ? -10.114 -5.833  1.950   1.00 8.97  ? 4   U   A "O2'" 1 
ATOM   75  C  "C1'" . U   A 1 4  ? -8.831  -5.490  3.942   1.00 9.43  ? 4   U   A "C1'" 1 
ATOM   76  N  N1    . U   A 1 4  ? -7.896  -4.510  4.508   1.00 8.83  ? 4   U   A N1    1 
ATOM   77  C  C2    . U   A 1 4  ? -8.343  -3.205  4.610   1.00 8.85  ? 4   U   A C2    1 
ATOM   78  O  O2    . U   A 1 4  ? -9.469  -2.870  4.295   1.00 10.21 ? 4   U   A O2    1 
ATOM   79  N  N3    . U   A 1 4  ? -7.423  -2.310  5.094   1.00 9.52  ? 4   U   A N3    1 
ATOM   80  C  C4    . U   A 1 4  ? -6.132  -2.580  5.488   1.00 10.05 ? 4   U   A C4    1 
ATOM   81  O  O4    . U   A 1 4  ? -5.408  -1.654  5.858   1.00 10.51 ? 4   U   A O4    1 
ATOM   82  C  C5    . U   A 1 4  ? -5.748  -3.956  5.377   1.00 9.65  ? 4   U   A C5    1 
ATOM   83  C  C6    . U   A 1 4  ? -6.625  -4.854  4.904   1.00 10.23 ? 4   U   A C6    1 
ATOM   84  P  P     . U   A 1 5  ? -7.058  -6.085  -0.455  1.00 10.85 ? 5   U   A P     1 
ATOM   85  O  OP1   . U   A 1 5  ? -7.205  -6.907  -1.683  1.00 13.42 ? 5   U   A OP1   1 
ATOM   86  O  OP2   . U   A 1 5  ? -5.705  -5.748  0.049   1.00 12.86 ? 5   U   A OP2   1 
ATOM   87  O  "O5'" . U   A 1 5  ? -7.850  -4.724  -0.681  1.00 9.58  ? 5   U   A "O5'" 1 
ATOM   88  C  "C5'" . U   A 1 5  ? -9.215  -4.739  -1.072  1.00 10.48 ? 5   U   A "C5'" 1 
ATOM   89  C  "C4'" . U   A 1 5  ? -9.841  -3.388  -0.835  1.00 10.61 ? 5   U   A "C4'" 1 
ATOM   90  O  "O4'" . U   A 1 5  ? -9.681  -3.024  0.564   1.00 9.82  ? 5   U   A "O4'" 1 
ATOM   91  C  "C3'" . U   A 1 5  ? -9.215  -2.220  -1.578  1.00 10.95 ? 5   U   A "C3'" 1 
ATOM   92  O  "O3'" . U   A 1 5  ? -9.706  -2.149  -2.910  1.00 10.82 ? 5   U   A "O3'" 1 
ATOM   93  C  "C2'" . U   A 1 5  ? -9.677  -1.043  -0.733  1.00 9.96  ? 5   U   A "C2'" 1 
ATOM   94  O  "O2'" . U   A 1 5  ? -11.042 -0.739  -0.945  1.00 11.00 ? 5   U   A "O2'" 1 
ATOM   95  C  "C1'" . U   A 1 5  ? -9.514  -1.620  0.674   1.00 10.11 ? 5   U   A "C1'" 1 
ATOM   96  N  N1    . U   A 1 5  ? -8.192  -1.344  1.254   1.00 9.51  ? 5   U   A N1    1 
ATOM   97  C  C2    . U   A 1 5  ? -7.987  -0.082  1.770   1.00 10.44 ? 5   U   A C2    1 
ATOM   98  O  O2    . U   A 1 5  ? -8.835  0.788   1.725   1.00 9.73  ? 5   U   A O2    1 
ATOM   99  N  N3    . U   A 1 5  ? -6.752  0.126   2.331   1.00 10.04 ? 5   U   A N3    1 
ATOM   100 C  C4    . U   A 1 5  ? -5.715  -0.779  2.418   1.00 9.73  ? 5   U   A C4    1 
ATOM   101 O  O4    . U   A 1 5  ? -4.676  -0.451  2.996   1.00 12.67 ? 5   U   A O4    1 
ATOM   102 C  C5    . U   A 1 5  ? -5.995  -2.060  1.842   1.00 9.08  ? 5   U   A C5    1 
ATOM   103 C  C6    . U   A 1 5  ? -7.195  -2.295  1.294   1.00 8.64  ? 5   U   A C6    1 
ATOM   104 P  P     . U   A 1 6  ? -8.815  -1.444  -4.049  1.00 12.05 ? 6   U   A P     1 
ATOM   105 O  OP1   . U   A 1 6  ? -9.466  -1.745  -5.348  1.00 13.04 ? 6   U   A OP1   1 
ATOM   106 O  OP2   . U   A 1 6  ? -7.390  -1.798  -3.841  1.00 13.14 ? 6   U   A OP2   1 
ATOM   107 O  "O5'" . U   A 1 6  ? -8.977  0.114   -3.756  1.00 11.72 ? 6   U   A "O5'" 1 
ATOM   108 C  "C5'" . U   A 1 6  ? -10.226 0.767   -3.927  1.00 10.90 ? 6   U   A "C5'" 1 
ATOM   109 C  "C4'" . U   A 1 6  ? -10.072 2.245   -3.672  1.00 11.37 ? 6   U   A "C4'" 1 
ATOM   110 O  "O4'" . U   A 1 6  ? -9.808  2.474   -2.262  1.00 10.88 ? 6   U   A "O4'" 1 
ATOM   111 C  "C3'" . U   A 1 6  ? -8.888  2.896   -4.364  1.00 11.61 ? 6   U   A "C3'" 1 
ATOM   112 O  "O3'" . U   A 1 6  ? -9.170  3.202   -5.724  1.00 10.46 ? 6   U   A "O3'" 1 
ATOM   113 C  "C2'" . U   A 1 6  ? -8.691  4.143   -3.518  1.00 11.33 ? 6   U   A "C2'" 1 
ATOM   114 O  "O2'" . U   A 1 6  ? -9.664  5.128   -3.810  1.00 12.76 ? 6   U   A "O2'" 1 
ATOM   115 C  "C1'" . U   A 1 6  ? -8.928  3.580   -2.115  1.00 12.85 ? 6   U   A "C1'" 1 
ATOM   116 N  N1    . U   A 1 6  ? -7.691  3.110   -1.470  1.00 9.66  ? 6   U   A N1    1 
ATOM   117 C  C2    . U   A 1 6  ? -6.877  4.057   -0.873  1.00 10.18 ? 6   U   A C2    1 
ATOM   118 O  O2    . U   A 1 6  ? -7.125  5.250   -0.898  1.00 10.37 ? 6   U   A O2    1 
ATOM   119 N  N3    . U   A 1 6  ? -5.757  3.557   -0.254  1.00 10.58 ? 6   U   A N3    1 
ATOM   120 C  C4    . U   A 1 6  ? -5.365  2.234   -0.184  1.00 9.81  ? 6   U   A C4    1 
ATOM   121 O  O4    . U   A 1 6  ? -4.350  1.935   0.448   1.00 12.19 ? 6   U   A O4    1 
ATOM   122 C  C5    . U   A 1 6  ? -6.245  1.318   -0.847  1.00 10.61 ? 6   U   A C5    1 
ATOM   123 C  C6    . U   A 1 6  ? -7.352  1.775   -1.451  1.00 10.10 ? 6   U   A C6    1 
ATOM   124 P  P     . G   A 1 7  ? -8.001  3.070   -6.822  1.00 11.23 ? 7   G   A P     1 
ATOM   125 O  OP1   . G   A 1 7  ? -8.620  3.366   -8.138  1.00 12.94 ? 7   G   A OP1   1 
ATOM   126 O  OP2   . G   A 1 7  ? -7.287  1.785   -6.624  1.00 11.73 ? 7   G   A OP2   1 
ATOM   127 O  "O5'" . G   A 1 7  ? -7.001  4.253   -6.457  1.00 9.93  ? 7   G   A "O5'" 1 
ATOM   128 C  "C5'" . G   A 1 7  ? -7.404  5.605   -6.624  1.00 9.93  ? 7   G   A "C5'" 1 
ATOM   129 C  "C4'" . G   A 1 7  ? -6.407  6.532   -5.978  1.00 10.45 ? 7   G   A "C4'" 1 
ATOM   130 O  "O4'" . G   A 1 7  ? -6.404  6.333   -4.535  1.00 9.00  ? 7   G   A "O4'" 1 
ATOM   131 C  "C3'" . G   A 1 7  ? -4.949  6.306   -6.325  1.00 11.26 ? 7   G   A "C3'" 1 
ATOM   132 O  "O3'" . G   A 1 7  ? -4.578  6.739   -7.624  1.00 12.79 ? 7   G   A "O3'" 1 
ATOM   133 C  "C2'" . G   A 1 7  ? -4.271  7.090   -5.214  1.00 9.97  ? 7   G   A "C2'" 1 
ATOM   134 O  "O2'" . G   A 1 7  ? -4.370  8.489   -5.381  1.00 11.22 ? 7   G   A "O2'" 1 
ATOM   135 C  "C1'" . G   A 1 7  ? -5.113  6.646   -4.018  1.00 9.09  ? 7   G   A "C1'" 1 
ATOM   136 N  N9    . G   A 1 7  ? -4.510  5.437   -3.468  1.00 8.72  ? 7   G   A N9    1 
ATOM   137 C  C8    . G   A 1 7  ? -4.876  4.134   -3.697  1.00 9.54  ? 7   G   A C8    1 
ATOM   138 N  N7    . G   A 1 7  ? -4.087  3.271   -3.115  1.00 10.24 ? 7   G   A N7    1 
ATOM   139 C  C5    . G   A 1 7  ? -3.155  4.055   -2.447  1.00 9.37  ? 7   G   A C5    1 
ATOM   140 C  C6    . G   A 1 7  ? -2.042  3.684   -1.649  1.00 10.10 ? 7   G   A C6    1 
ATOM   141 O  O6    . G   A 1 7  ? -1.636  2.547   -1.374  1.00 10.19 ? 7   G   A O6    1 
ATOM   142 N  N1    . G   A 1 7  ? -1.366  4.800   -1.161  1.00 9.36  ? 7   G   A N1    1 
ATOM   143 C  C2    . G   A 1 7  ? -1.709  6.108   -1.420  1.00 8.54  ? 7   G   A C2    1 
ATOM   144 N  N2    . G   A 1 7  ? -0.927  7.048   -0.863  1.00 9.12  ? 7   G   A N2    1 
ATOM   145 N  N3    . G   A 1 7  ? -2.740  6.464   -2.168  1.00 9.52  ? 7   G   A N3    1 
ATOM   146 C  C4    . G   A 1 7  ? -3.413  5.395   -2.644  1.00 8.03  ? 7   G   A C4    1 
ATOM   147 P  P     . A   A 1 8  ? -3.329  6.031   -8.355  1.00 13.73 ? 8   A   A P     1 
ATOM   148 O  OP1   . A   A 1 8  ? -3.457  6.265   -9.815  1.00 15.25 ? 8   A   A OP1   1 
ATOM   149 O  OP2   . A   A 1 8  ? -3.190  4.644   -7.842  1.00 15.14 ? 8   A   A OP2   1 
ATOM   150 O  "O5'" . A   A 1 8  ? -2.081  6.866   -7.829  1.00 12.31 ? 8   A   A "O5'" 1 
ATOM   151 C  "C5'" . A   A 1 8  ? -2.047  8.274   -8.011  1.00 11.09 ? 8   A   A "C5'" 1 
ATOM   152 C  "C4'" . A   A 1 8  ? -1.015  8.906   -7.111  1.00 9.25  ? 8   A   A "C4'" 1 
ATOM   153 O  "O4'" . A   A 1 8  ? -1.303  8.585   -5.720  1.00 10.03 ? 8   A   A "O4'" 1 
ATOM   154 C  "C3'" . A   A 1 8  ? 0.423   8.448   -7.277  1.00 9.98  ? 8   A   A "C3'" 1 
ATOM   155 O  "O3'" . A   A 1 8  ? 1.025   9.083   -8.395  1.00 9.60  ? 8   A   A "O3'" 1 
ATOM   156 C  "C2'" . A   A 1 8  ? 1.016   8.930   -5.962  1.00 10.39 ? 8   A   A "C2'" 1 
ATOM   157 O  "O2'" . A   A 1 8  ? 1.140   10.339  -5.945  1.00 10.12 ? 8   A   A "O2'" 1 
ATOM   158 C  "C1'" . A   A 1 8  ? -0.088  8.516   -4.986  1.00 10.83 ? 8   A   A "C1'" 1 
ATOM   159 N  N9    . A   A 1 8  ? 0.100   7.136   -4.535  1.00 9.60  ? 8   A   A N9    1 
ATOM   160 C  C8    . A   A 1 8  ? -0.571  6.013   -4.954  1.00 10.48 ? 8   A   A C8    1 
ATOM   161 N  N7    . A   A 1 8  ? -0.147  4.903   -4.394  1.00 9.81  ? 8   A   A N7    1 
ATOM   162 C  C5    . A   A 1 8  ? 0.863   5.326   -3.541  1.00 9.64  ? 8   A   A C5    1 
ATOM   163 C  C6    . A   A 1 8  ? 1.714   4.628   -2.660  1.00 9.65  ? 8   A   A C6    1 
ATOM   164 N  N6    . A   A 1 8  ? 1.687   3.303   -2.492  1.00 9.15  ? 8   A   A N6    1 
ATOM   165 N  N1    . A   A 1 8  ? 2.610   5.351   -1.952  1.00 8.76  ? 8   A   A N1    1 
ATOM   166 C  C2    . A   A 1 8  ? 2.642   6.679   -2.123  1.00 9.74  ? 8   A   A C2    1 
ATOM   167 N  N3    . A   A 1 8  ? 1.898   7.445   -2.920  1.00 8.83  ? 8   A   A N3    1 
ATOM   168 C  C4    . A   A 1 8  ? 1.019   6.700   -3.610  1.00 9.34  ? 8   A   A C4    1 
ATOM   169 P  P     . A   A 1 9  ? 2.225   8.353   -9.181  1.00 10.76 ? 9   A   A P     1 
ATOM   170 O  OP1   . A   A 1 9  ? 2.538   9.205   -10.360 1.00 12.96 ? 9   A   A OP1   1 
ATOM   171 O  OP2   . A   A 1 9  ? 1.899   6.919   -9.378  1.00 13.18 ? 9   A   A OP2   1 
ATOM   172 O  "O5'" . A   A 1 9  ? 3.449   8.445   -8.169  1.00 10.86 ? 9   A   A "O5'" 1 
ATOM   173 C  "C5'" . A   A 1 9  ? 3.893   9.703   -7.679  1.00 11.50 ? 9   A   A "C5'" 1 
ATOM   174 C  "C4'" . A   A 1 9  ? 4.859   9.504   -6.536  1.00 10.90 ? 9   A   A "C4'" 1 
ATOM   175 O  "O4'" . A   A 1 9  ? 4.187   8.803   -5.456  1.00 10.69 ? 9   A   A "O4'" 1 
ATOM   176 C  "C3'" . A   A 1 9  ? 6.055   8.618   -6.841  1.00 9.44  ? 9   A   A "C3'" 1 
ATOM   177 O  "O3'" . A   A 1 9  ? 7.072   9.351   -7.505  1.00 10.25 ? 9   A   A "O3'" 1 
ATOM   178 C  "C2'" . A   A 1 9  ? 6.475   8.186   -5.444  1.00 10.84 ? 9   A   A "C2'" 1 
ATOM   179 O  "O2'" . A   A 1 9  ? 7.166   9.203   -4.746  1.00 10.28 ? 9   A   A "O2'" 1 
ATOM   180 C  "C1'" . A   A 1 9  ? 5.112   7.953   -4.793  1.00 10.62 ? 9   A   A "C1'" 1 
ATOM   181 N  N9    . A   A 1 9  ? 4.665   6.574   -4.953  1.00 10.28 ? 9   A   A N9    1 
ATOM   182 C  C8    . A   A 1 9  ? 3.670   6.085   -5.767  1.00 10.44 ? 9   A   A C8    1 
ATOM   183 N  N7    . A   A 1 9  ? 3.511   4.786   -5.683  1.00 10.27 ? 9   A   A N7    1 
ATOM   184 C  C5    . A   A 1 9  ? 4.461   4.393   -4.750  1.00 10.91 ? 9   A   A C5    1 
ATOM   185 C  C6    . A   A 1 9  ? 4.801   3.136   -4.210  1.00 10.97 ? 9   A   A C6    1 
ATOM   186 N  N6    . A   A 1 9  ? 4.183   1.996   -4.533  1.00 11.47 ? 9   A   A N6    1 
ATOM   187 N  N1    . A   A 1 9  ? 5.808   3.090   -3.309  1.00 10.48 ? 9   A   A N1    1 
ATOM   188 C  C2    . A   A 1 9  ? 6.417   4.233   -2.973  1.00 11.04 ? 9   A   A C2    1 
ATOM   189 N  N3    . A   A 1 9  ? 6.182   5.472   -3.400  1.00 10.67 ? 9   A   A N3    1 
ATOM   190 C  C4    . A   A 1 9  ? 5.182   5.483   -4.297  1.00 10.70 ? 9   A   A C4    1 
ATOM   191 P  P     . A   A 1 10 ? 8.096   8.582   -8.470  1.00 11.28 ? 10  A   A P     1 
ATOM   192 O  OP1   . A   A 1 10 ? 8.793   9.630   -9.243  1.00 11.42 ? 10  A   A OP1   1 
ATOM   193 O  OP2   . A   A 1 10 ? 7.370   7.504   -9.183  1.00 11.12 ? 10  A   A OP2   1 
ATOM   194 O  "O5'" . A   A 1 10 ? 9.133   7.899   -7.475  1.00 8.94  ? 10  A   A "O5'" 1 
ATOM   195 C  "C5'" . A   A 1 10 ? 10.055  8.681   -6.734  1.00 9.48  ? 10  A   A "C5'" 1 
ATOM   196 C  "C4'" . A   A 1 10 ? 11.009  7.782   -5.993  1.00 9.38  ? 10  A   A "C4'" 1 
ATOM   197 O  "O4'" . A   A 1 10 ? 10.285  7.048   -4.967  1.00 9.48  ? 10  A   A "O4'" 1 
ATOM   198 C  "C3'" . A   A 1 10 ? 11.650  6.692   -6.832  1.00 8.61  ? 10  A   A "C3'" 1 
ATOM   199 O  "O3'" . A   A 1 10 ? 12.768  7.185   -7.563  1.00 9.30  ? 10  A   A "O3'" 1 
ATOM   200 C  "C2'" . A   A 1 10 ? 12.047  5.695   -5.758  1.00 9.79  ? 10  A   A "C2'" 1 
ATOM   201 O  "O2'" . A   A 1 10 ? 13.153  6.181   -5.024  1.00 10.20 ? 10  A   A "O2'" 1 
ATOM   202 C  "C1'" . A   A 1 10 ? 10.802  5.730   -4.869  1.00 9.06  ? 10  A   A "C1'" 1 
ATOM   203 N  N9    . A   A 1 10 ? 9.749   4.804   -5.290  1.00 9.99  ? 10  A   A N9    1 
ATOM   204 C  C8    . A   A 1 10 ? 8.617   5.108   -6.008  1.00 10.41 ? 10  A   A C8    1 
ATOM   205 N  N7    . A   A 1 10 ? 7.833   4.084   -6.225  1.00 9.85  ? 10  A   A N7    1 
ATOM   206 C  C5    . A   A 1 10 ? 8.493   3.026   -5.613  1.00 8.53  ? 10  A   A C5    1 
ATOM   207 C  C6    . A   A 1 10 ? 8.175   1.662   -5.485  1.00 9.47  ? 10  A   A C6    1 
ATOM   208 N  N6    . A   A 1 10 ? 7.058   1.112   -5.970  1.00 9.84  ? 10  A   A N6    1 
ATOM   209 N  N1    . A   A 1 10 ? 9.052   0.873   -4.827  1.00 9.01  ? 10  A   A N1    1 
ATOM   210 C  C2    . A   A 1 10 ? 10.162  1.429   -4.326  1.00 8.36  ? 10  A   A C2    1 
ATOM   211 N  N3    . A   A 1 10 ? 10.566  2.697   -4.373  1.00 9.46  ? 10  A   A N3    1 
ATOM   212 C  C4    . A   A 1 10 ? 9.677   3.454   -5.041  1.00 9.07  ? 10  A   A C4    1 
ATOM   213 P  P     . C   A 1 11 ? 13.091  6.583   -9.021  1.00 10.43 ? 11  C   A P     1 
ATOM   214 O  OP1   . C   A 1 11 ? 14.149  7.451   -9.600  1.00 11.20 ? 11  C   A OP1   1 
ATOM   215 O  OP2   . C   A 1 11 ? 11.827  6.376   -9.774  1.00 11.94 ? 11  C   A OP2   1 
ATOM   216 O  "O5'" . C   A 1 11 ? 13.701  5.142   -8.716  1.00 10.92 ? 11  C   A "O5'" 1 
ATOM   217 C  "C5'" . C   A 1 11 ? 14.882  5.005   -7.940  1.00 10.48 ? 11  C   A "C5'" 1 
ATOM   218 C  "C4'" . C   A 1 11 ? 15.104  3.557   -7.573  1.00 9.98  ? 11  C   A "C4'" 1 
ATOM   219 O  "O4'" . C   A 1 11 ? 14.040  3.107   -6.691  1.00 11.42 ? 11  C   A "O4'" 1 
ATOM   220 C  "C3'" . C   A 1 11 ? 15.043  2.552   -8.709  1.00 11.12 ? 11  C   A "C3'" 1 
ATOM   221 O  "O3'" . C   A 1 11 ? 16.233  2.531   -9.482  1.00 9.41  ? 11  C   A "O3'" 1 
ATOM   222 C  "C2'" . C   A 1 11 ? 14.833  1.257   -7.941  1.00 10.57 ? 11  C   A "C2'" 1 
ATOM   223 O  "O2'" . C   A 1 11 ? 16.014  0.819   -7.299  1.00 11.92 ? 11  C   A "O2'" 1 
ATOM   224 C  "C1'" . C   A 1 11 ? 13.826  1.713   -6.885  1.00 10.35 ? 11  C   A "C1'" 1 
ATOM   225 N  N1    . C   A 1 11 ? 12.453  1.505   -7.362  1.00 9.88  ? 11  C   A N1    1 
ATOM   226 C  C2    . C   A 1 11 ? 11.912  0.223   -7.282  1.00 9.72  ? 11  C   A C2    1 
ATOM   227 O  O2    . C   A 1 11 ? 12.602  -0.685  -6.793  1.00 11.40 ? 11  C   A O2    1 
ATOM   228 N  N3    . C   A 1 11 ? 10.658  0.002   -7.741  1.00 10.02 ? 11  C   A N3    1 
ATOM   229 C  C4    . C   A 1 11 ? 9.954   1.007   -8.266  1.00 10.73 ? 11  C   A C4    1 
ATOM   230 N  N4    . C   A 1 11 ? 8.724   0.742   -8.720  1.00 11.73 ? 11  C   A N4    1 
ATOM   231 C  C5    . C   A 1 11 ? 10.479  2.331   -8.354  1.00 9.70  ? 11  C   A C5    1 
ATOM   232 C  C6    . C   A 1 11 ? 11.721  2.534   -7.890  1.00 9.67  ? 11  C   A C6    1 
ATOM   233 P  P     . G   A 1 12 ? 16.150  2.192   -11.053 1.00 10.53 ? 12  G   A P     1 
ATOM   234 O  OP1   . G   A 1 12 ? 17.504  2.419   -11.619 1.00 11.41 ? 12  G   A OP1   1 
ATOM   235 O  OP2   . G   A 1 12 ? 14.977  2.893   -11.637 1.00 11.15 ? 12  G   A OP2   1 
ATOM   236 O  "O5'" . G   A 1 12 ? 15.862  0.630   -11.088 1.00 10.44 ? 12  G   A "O5'" 1 
ATOM   237 C  "C5'" . G   A 1 12 ? 16.856  -0.277  -10.637 1.00 10.63 ? 12  G   A "C5'" 1 
ATOM   238 C  "C4'" . G   A 1 12 ? 16.283  -1.658  -10.484 1.00 10.06 ? 12  G   A "C4'" 1 
ATOM   239 O  "O4'" . G   A 1 12 ? 15.161  -1.619  -9.560  1.00 10.07 ? 12  G   A "O4'" 1 
ATOM   240 C  "C3'" . G   A 1 12 ? 15.675  -2.281  -11.728 1.00 10.57 ? 12  G   A "C3'" 1 
ATOM   241 O  "O3'" . G   A 1 12 ? 16.687  -2.810  -12.571 1.00 11.31 ? 12  G   A "O3'" 1 
ATOM   242 C  "C2'" . G   A 1 12 ? 14.835  -3.380  -11.102 1.00 11.13 ? 12  G   A "C2'" 1 
ATOM   243 O  "O2'" . G   A 1 12 ? 15.645  -4.427  -10.614 1.00 10.76 ? 12  G   A "O2'" 1 
ATOM   244 C  "C1'" . G   A 1 12 ? 14.232  -2.630  -9.915  1.00 9.49  ? 12  G   A "C1'" 1 
ATOM   245 N  N9    . G   A 1 12 ? 12.968  -2.011  -10.294 1.00 7.26  ? 12  G   A N9    1 
ATOM   246 C  C8    . G   A 1 12 ? 12.705  -0.687  -10.566 1.00 7.98  ? 12  G   A C8    1 
ATOM   247 N  N7    . G   A 1 12 ? 11.462  -0.474  -10.908 1.00 8.86  ? 12  G   A N7    1 
ATOM   248 C  C5    . G   A 1 12 ? 10.871  -1.730  -10.846 1.00 8.60  ? 12  G   A C5    1 
ATOM   249 C  C6    . G   A 1 12 ? 9.529   -2.137  -11.105 1.00 8.99  ? 12  G   A C6    1 
ATOM   250 O  O6    . G   A 1 12 ? 8.562   -1.445  -11.444 1.00 10.88 ? 12  G   A O6    1 
ATOM   251 N  N1    . G   A 1 12 ? 9.371   -3.510  -10.929 1.00 8.96  ? 12  G   A N1    1 
ATOM   252 C  C2    . G   A 1 12 ? 10.368  -4.379  -10.551 1.00 8.72  ? 12  G   A C2    1 
ATOM   253 N  N2    . G   A 1 12 ? 10.029  -5.671  -10.441 1.00 10.70 ? 12  G   A N2    1 
ATOM   254 N  N3    . G   A 1 12 ? 11.612  -4.008  -10.302 1.00 7.39  ? 12  G   A N3    1 
ATOM   255 C  C4    . G   A 1 12 ? 11.788  -2.684  -10.469 1.00 7.07  ? 12  G   A C4    1 
ATOM   256 P  P     . C   A 1 13 ? 16.396  -3.004  -14.140 1.00 13.29 ? 13  C   A P     1 
ATOM   257 O  OP1   . C   A 1 13 ? 17.668  -3.456  -14.758 1.00 15.70 ? 13  C   A OP1   1 
ATOM   258 O  OP2   . C   A 1 13 ? 15.711  -1.796  -14.661 1.00 14.82 ? 13  C   A OP2   1 
ATOM   259 O  "O5'" . C   A 1 13 ? 15.366  -4.217  -14.192 1.00 11.79 ? 13  C   A "O5'" 1 
ATOM   260 C  "C5'" . C   A 1 13 ? 15.736  -5.508  -13.719 1.00 11.52 ? 13  C   A "C5'" 1 
ATOM   261 C  "C4'" . C   A 1 13 ? 14.553  -6.446  -13.771 1.00 10.93 ? 13  C   A "C4'" 1 
ATOM   262 O  "O4'" . C   A 1 13 ? 13.478  -5.932  -12.939 1.00 11.92 ? 13  C   A "O4'" 1 
ATOM   263 C  "C3'" . C   A 1 13 ? 13.892  -6.609  -15.128 1.00 11.42 ? 13  C   A "C3'" 1 
ATOM   264 O  "O3'" . C   A 1 13 ? 14.628  -7.450  -16.011 1.00 13.57 ? 13  C   A "O3'" 1 
ATOM   265 C  "C2'" . C   A 1 13 ? 12.526  -7.153  -14.740 1.00 11.27 ? 13  C   A "C2'" 1 
ATOM   266 O  "O2'" . C   A 1 13 ? 12.576  -8.525  -14.401 1.00 12.50 ? 13  C   A "O2'" 1 
ATOM   267 C  "C1'" . C   A 1 13 ? 12.229  -6.329  -13.486 1.00 10.77 ? 13  C   A "C1'" 1 
ATOM   268 N  N1    . C   A 1 13 ? 11.443  -5.123  -13.788 1.00 11.12 ? 13  C   A N1    1 
ATOM   269 C  C2    . C   A 1 13 ? 10.072  -5.264  -14.005 1.00 11.44 ? 13  C   A C2    1 
ATOM   270 O  O2    . C   A 1 13 ? 9.571   -6.392  -13.921 1.00 11.92 ? 13  C   A O2    1 
ATOM   271 N  N3    . C   A 1 13 ? 9.330   -4.170  -14.299 1.00 12.22 ? 13  C   A N3    1 
ATOM   272 C  C4    . C   A 1 13 ? 9.913   -2.974  -14.379 1.00 11.48 ? 13  C   A C4    1 
ATOM   273 N  N4    . C   A 1 13 ? 9.144   -1.924  -14.678 1.00 12.65 ? 13  C   A N4    1 
ATOM   274 C  C5    . C   A 1 13 ? 11.311  -2.800  -14.157 1.00 9.67  ? 13  C   A C5    1 
ATOM   275 C  C6    . C   A 1 13 ? 12.031  -3.891  -13.867 1.00 10.30 ? 13  C   A C6    1 
ATOM   276 O  "O5'" . G   B 1 1  ? -0.809  -3.645  -14.624 1.00 17.12 ? 14  G   B "O5'" 1 
ATOM   277 C  "C5'" . G   B 1 1  ? -1.462  -4.903  -14.802 1.00 15.07 ? 14  G   B "C5'" 1 
ATOM   278 C  "C4'" . G   B 1 1  ? -0.493  -6.060  -14.818 1.00 14.59 ? 14  G   B "C4'" 1 
ATOM   279 O  "O4'" . G   B 1 1  ? 0.452   -5.892  -15.910 1.00 14.10 ? 14  G   B "O4'" 1 
ATOM   280 C  "C3'" . G   B 1 1  ? 0.381   -6.199  -13.581 1.00 14.68 ? 14  G   B "C3'" 1 
ATOM   281 O  "O3'" . G   B 1 1  ? -0.299  -6.918  -12.561 1.00 15.13 ? 14  G   B "O3'" 1 
ATOM   282 C  "C2'" . G   B 1 1  ? 1.562   -6.984  -14.131 1.00 13.41 ? 14  G   B "C2'" 1 
ATOM   283 O  "O2'" . G   B 1 1  ? 1.263   -8.351  -14.320 1.00 14.77 ? 14  G   B "O2'" 1 
ATOM   284 C  "C1'" . G   B 1 1  ? 1.740   -6.317  -15.495 1.00 13.54 ? 14  G   B "C1'" 1 
ATOM   285 N  N9    . G   B 1 1  ? 2.603   -5.143  -15.426 1.00 11.70 ? 14  G   B N9    1 
ATOM   286 C  C8    . G   B 1 1  ? 2.241   -3.831  -15.617 1.00 12.55 ? 14  G   B C8    1 
ATOM   287 N  N7    . G   B 1 1  ? 3.240   -2.998  -15.488 1.00 13.48 ? 14  G   B N7    1 
ATOM   288 C  C5    . G   B 1 1  ? 4.329   -3.811  -15.199 1.00 10.47 ? 14  G   B C5    1 
ATOM   289 C  C6    . G   B 1 1  ? 5.691   -3.480  -14.962 1.00 11.25 ? 14  G   B C6    1 
ATOM   290 O  O6    . G   B 1 1  ? 6.226   -2.367  -14.963 1.00 13.27 ? 14  G   B O6    1 
ATOM   291 N  N1    . G   B 1 1  ? 6.455   -4.614  -14.708 1.00 10.45 ? 14  G   B N1    1 
ATOM   292 C  C2    . G   B 1 1  ? 5.978   -5.899  -14.681 1.00 11.66 ? 14  G   B C2    1 
ATOM   293 N  N2    . G   B 1 1  ? 6.875   -6.857  -14.410 1.00 13.14 ? 14  G   B N2    1 
ATOM   294 N  N3    . G   B 1 1  ? 4.715   -6.223  -14.904 1.00 11.04 ? 14  G   B N3    1 
ATOM   295 C  C4    . G   B 1 1  ? 3.952   -5.137  -15.154 1.00 11.43 ? 14  G   B C4    1 
ATOM   296 P  P     . C   B 1 2  ? 0.037   -6.621  -11.016 1.00 15.42 ? 15  C   B P     1 
ATOM   297 O  OP1   . C   B 1 2  ? -0.946  -7.399  -10.217 1.00 17.86 ? 15  C   B OP1   1 
ATOM   298 O  OP2   . C   B 1 2  ? 0.149   -5.160  -10.815 1.00 15.84 ? 15  C   B OP2   1 
ATOM   299 O  "O5'" . C   B 1 2  ? 1.477   -7.268  -10.803 1.00 13.82 ? 15  C   B "O5'" 1 
ATOM   300 C  "C5'" . C   B 1 2  ? 1.677   -8.671  -10.943 1.00 15.08 ? 15  C   B "C5'" 1 
ATOM   301 C  "C4'" . C   B 1 2  ? 3.141   -9.009  -10.780 1.00 14.20 ? 15  C   B "C4'" 1 
ATOM   302 O  "O4'" . C   B 1 2  ? 3.907   -8.371  -11.839 1.00 13.39 ? 15  C   B "O4'" 1 
ATOM   303 C  "C3'" . C   B 1 2  ? 3.806   -8.506  -9.508  1.00 13.63 ? 15  C   B "C3'" 1 
ATOM   304 O  "O3'" . C   B 1 2  ? 3.555   -9.365  -8.403  1.00 13.71 ? 15  C   B "O3'" 1 
ATOM   305 C  "C2'" . C   B 1 2  ? 5.273   -8.526  -9.909  1.00 12.32 ? 15  C   B "C2'" 1 
ATOM   306 O  "O2'" . C   B 1 2  ? 5.815   -9.833  -9.911  1.00 13.39 ? 15  C   B "O2'" 1 
ATOM   307 C  "C1'" . C   B 1 2  ? 5.185   -8.002  -11.343 1.00 12.15 ? 15  C   B "C1'" 1 
ATOM   308 N  N1    . C   B 1 2  ? 5.308   -6.536  -11.401 1.00 11.61 ? 15  C   B N1    1 
ATOM   309 C  C2    . C   B 1 2  ? 6.570   -5.973  -11.215 1.00 10.50 ? 15  C   B C2    1 
ATOM   310 O  O2    . C   B 1 2  ? 7.530   -6.728  -10.991 1.00 12.50 ? 15  C   B O2    1 
ATOM   311 N  N3    . C   B 1 2  ? 6.715   -4.629  -11.277 1.00 10.29 ? 15  C   B N3    1 
ATOM   312 C  C4    . C   B 1 2  ? 5.651   -3.854  -11.502 1.00 9.75  ? 15  C   B C4    1 
ATOM   313 N  N4    . C   B 1 2  ? 5.840   -2.532  -11.555 1.00 11.50 ? 15  C   B N4    1 
ATOM   314 C  C5    . C   B 1 2  ? 4.346   -4.401  -11.684 1.00 10.15 ? 15  C   B C5    1 
ATOM   315 C  C6    . C   B 1 2  ? 4.223   -5.737  -11.629 1.00 10.32 ? 15  C   B C6    1 
ATOM   316 P  P     . G   B 1 3  ? 3.681   -8.793  -6.902  1.00 13.86 ? 16  G   B P     1 
ATOM   317 O  OP1   . G   B 1 3  ? 3.132   -9.841  -6.000  1.00 15.20 ? 16  G   B OP1   1 
ATOM   318 O  OP2   . G   B 1 3  ? 3.129   -7.422  -6.847  1.00 14.99 ? 16  G   B OP2   1 
ATOM   319 O  "O5'" . G   B 1 3  ? 5.251   -8.687  -6.657  1.00 12.01 ? 16  G   B "O5'" 1 
ATOM   320 C  "C5'" . G   B 1 3  ? 6.066   -9.852  -6.620  1.00 12.46 ? 16  G   B "C5'" 1 
ATOM   321 C  "C4'" . G   B 1 3  ? 7.507   -9.474  -6.366  1.00 11.17 ? 16  G   B "C4'" 1 
ATOM   322 O  "O4'" . G   B 1 3  ? 8.021   -8.725  -7.502  1.00 10.84 ? 16  G   B "O4'" 1 
ATOM   323 C  "C3'" . G   B 1 3  ? 7.763   -8.553  -5.185  1.00 10.93 ? 16  G   B "C3'" 1 
ATOM   324 O  "O3'" . G   B 1 3  ? 7.778   -9.264  -3.954  1.00 12.02 ? 16  G   B "O3'" 1 
ATOM   325 C  "C2'" . G   B 1 3  ? 9.125   -7.981  -5.549  1.00 9.21  ? 16  G   B "C2'" 1 
ATOM   326 O  "O2'" . G   B 1 3  ? 10.162  -8.929  -5.372  1.00 11.91 ? 16  G   B "O2'" 1 
ATOM   327 C  "C1'" . G   B 1 3  ? 8.934   -7.735  -7.047  1.00 10.24 ? 16  G   B "C1'" 1 
ATOM   328 N  N9    . G   B 1 3  ? 8.369   -6.420  -7.340  1.00 10.41 ? 16  G   B N9    1 
ATOM   329 C  C8    . G   B 1 3  ? 7.071   -6.132  -7.682  1.00 10.54 ? 16  G   B C8    1 
ATOM   330 N  N7    . G   B 1 3  ? 6.871   -4.861  -7.914  1.00 9.81  ? 16  G   B N7    1 
ATOM   331 C  C5    . G   B 1 3  ? 8.113   -4.274  -7.705  1.00 8.76  ? 16  G   B C5    1 
ATOM   332 C  C6    . G   B 1 3  ? 8.522   -2.920  -7.817  1.00 9.39  ? 16  G   B C6    1 
ATOM   333 O  O6    . G   B 1 3  ? 7.852   -1.939  -8.155  1.00 11.62 ? 16  G   B O6    1 
ATOM   334 N  N1    . G   B 1 3  ? 9.868   -2.764  -7.496  1.00 9.09  ? 16  G   B N1    1 
ATOM   335 C  C2    . G   B 1 3  ? 10.715  -3.781  -7.133  1.00 8.89  ? 16  G   B C2    1 
ATOM   336 N  N2    . G   B 1 3  ? 11.984  -3.430  -6.859  1.00 10.10 ? 16  G   B N2    1 
ATOM   337 N  N3    . G   B 1 3  ? 10.351  -5.050  -7.043  1.00 10.27 ? 16  G   B N3    1 
ATOM   338 C  C4    . G   B 1 3  ? 9.046   -5.222  -7.338  1.00 9.49  ? 16  G   B C4    1 
ATOM   339 P  P     . U   B 1 4  ? 7.194   -8.563  -2.630  1.00 12.29 ? 17  U   B P     1 
ATOM   340 O  OP1   . U   B 1 4  ? 7.233   -9.575  -1.539  1.00 14.21 ? 17  U   B OP1   1 
ATOM   341 O  OP2   . U   B 1 4  ? 5.916   -7.892  -2.955  1.00 11.99 ? 17  U   B OP2   1 
ATOM   342 O  "O5'" . U   B 1 4  ? 8.259   -7.424  -2.314  1.00 11.74 ? 17  U   B "O5'" 1 
ATOM   343 C  "C5'" . U   B 1 4  ? 9.582   -7.759  -1.939  1.00 11.80 ? 17  U   B "C5'" 1 
ATOM   344 C  "C4'" . U   B 1 4  ? 10.426  -6.516  -1.843  1.00 10.78 ? 17  U   B "C4'" 1 
ATOM   345 O  "O4'" . U   B 1 4  ? 10.560  -5.913  -3.159  1.00 11.39 ? 17  U   B "O4'" 1 
ATOM   346 C  "C3'" . U   B 1 4  ? 9.844   -5.379  -1.023  1.00 10.46 ? 17  U   B "C3'" 1 
ATOM   347 O  "O3'" . U   B 1 4  ? 9.967   -5.586  0.374   1.00 11.05 ? 17  U   B "O3'" 1 
ATOM   348 C  "C2'" . U   B 1 4  ? 10.679  -4.210  -1.517  1.00 10.32 ? 17  U   B "C2'" 1 
ATOM   349 O  "O2'" . U   B 1 4  ? 11.992  -4.222  -0.996  1.00 11.06 ? 17  U   B "O2'" 1 
ATOM   350 C  "C1'" . U   B 1 4  ? 10.706  -4.504  -3.016  1.00 10.44 ? 17  U   B "C1'" 1 
ATOM   351 N  N1    . U   B 1 4  ? 9.568   -3.834  -3.658  1.00 10.20 ? 17  U   B N1    1 
ATOM   352 C  C2    . U   B 1 4  ? 9.718   -2.492  -3.938  1.00 9.61  ? 17  U   B C2    1 
ATOM   353 O  O2    . U   B 1 4  ? 10.747  -1.884  -3.701  1.00 11.10 ? 17  U   B O2    1 
ATOM   354 N  N3    . U   B 1 4  ? 8.621   -1.887  -4.497  1.00 10.02 ? 17  U   B N3    1 
ATOM   355 C  C4    . U   B 1 4  ? 7.411   -2.478  -4.794  1.00 10.49 ? 17  U   B C4    1 
ATOM   356 O  O4    . U   B 1 4  ? 6.500   -1.789  -5.259  1.00 12.32 ? 17  U   B O4    1 
ATOM   357 C  C5    . U   B 1 4  ? 7.336   -3.874  -4.486  1.00 10.03 ? 17  U   B C5    1 
ATOM   358 C  C6    . U   B 1 4  ? 8.393   -4.491  -3.946  1.00 10.40 ? 17  U   B C6    1 
ATOM   359 P  P     . U   B 1 5  ? 8.857   -4.975  1.359   1.00 10.88 ? 18  U   B P     1 
ATOM   360 O  OP1   . U   B 1 5  ? 9.130   -5.557  2.695   1.00 11.90 ? 18  U   B OP1   1 
ATOM   361 O  OP2   . U   B 1 5  ? 7.516   -5.146  0.744   1.00 11.19 ? 18  U   B OP2   1 
ATOM   362 O  "O5'" . U   B 1 5  ? 9.181   -3.416  1.381   1.00 9.78  ? 18  U   B "O5'" 1 
ATOM   363 C  "C5'" . U   B 1 5  ? 10.490  -2.954  1.689   1.00 9.35  ? 18  U   B "C5'" 1 
ATOM   364 C  "C4'" . U   B 1 5  ? 10.625  -1.488  1.358   1.00 9.00  ? 18  U   B "C4'" 1 
ATOM   365 O  "O4'" . U   B 1 5  ? 10.414  -1.290  -0.067  1.00 8.87  ? 18  U   B "O4'" 1 
ATOM   366 C  "C3'" . U   B 1 5  ? 9.625   -0.542  1.997   1.00 7.86  ? 18  U   B "C3'" 1 
ATOM   367 O  "O3'" . U   B 1 5  ? 9.988   -0.224  3.335   1.00 9.77  ? 18  U   B "O3'" 1 
ATOM   368 C  "C2'" . U   B 1 5  ? 9.742   0.670   1.083   1.00 8.72  ? 18  U   B "C2'" 1 
ATOM   369 O  "O2'" . U   B 1 5  ? 10.927  1.407   1.323   1.00 9.22  ? 18  U   B "O2'" 1 
ATOM   370 C  "C1'" . U   B 1 5  ? 9.851   -0.006  -0.285  1.00 8.17  ? 18  U   B "C1'" 1 
ATOM   371 N  N1    . U   B 1 5  ? 8.545   -0.166  -0.939  1.00 8.45  ? 18  U   B N1    1 
ATOM   372 C  C2    . U   B 1 5  ? 8.030   0.940   -1.579  1.00 8.16  ? 18  U   B C2    1 
ATOM   373 O  O2    . U   B 1 5  ? 8.609   2.009   -1.607  1.00 9.21  ? 18  U   B O2    1 
ATOM   374 N  N3    . U   B 1 5  ? 6.808   0.750   -2.176  1.00 9.69  ? 18  U   B N3    1 
ATOM   375 C  C4    . U   B 1 5  ? 6.063   -0.410  -2.188  1.00 9.45  ? 18  U   B C4    1 
ATOM   376 O  O4    . U   B 1 5  ? 4.980   -0.427  -2.775  1.00 11.29 ? 18  U   B O4    1 
ATOM   377 C  C5    . U   B 1 5  ? 6.662   -1.512  -1.498  1.00 9.95  ? 18  U   B C5    1 
ATOM   378 C  C6    . U   B 1 5  ? 7.856   -1.357  -0.914  1.00 9.82  ? 18  U   B C6    1 
ATOM   379 P  P     . U   B 1 6  ? 8.885   0.391   4.331   1.00 10.03 ? 19  U   B P     1 
ATOM   380 O  OP1   . U   B 1 6  ? 9.537   0.580   5.648   1.00 11.14 ? 19  U   B OP1   1 
ATOM   381 O  OP2   . U   B 1 6  ? 7.639   -0.409  4.238   1.00 11.01 ? 19  U   B OP2   1 
ATOM   382 O  "O5'" . U   B 1 6  ? 8.587   1.826   3.721   1.00 11.16 ? 19  U   B "O5'" 1 
ATOM   383 C  "C5'" . U   B 1 6  ? 9.546   2.863   3.839   1.00 10.79 ? 19  U   B "C5'" 1 
ATOM   384 C  "C4'" . U   B 1 6  ? 8.913   4.187   3.515   1.00 11.06 ? 19  U   B "C4'" 1 
ATOM   385 O  "O4'" . U   B 1 6  ? 8.623   4.269   2.096   1.00 8.89  ? 19  U   B "O4'" 1 
ATOM   386 C  "C3'" . U   B 1 6  ? 7.562   4.429   4.152   1.00 10.27 ? 19  U   B "C3'" 1 
ATOM   387 O  "O3'" . U   B 1 6  ? 7.712   4.766   5.522   1.00 12.15 ? 19  U   B "O3'" 1 
ATOM   388 C  "C2'" . U   B 1 6  ? 7.030   5.559   3.281   1.00 10.37 ? 19  U   B "C2'" 1 
ATOM   389 O  "O2'" . U   B 1 6  ? 7.673   6.789   3.554   1.00 11.08 ? 19  U   B "O2'" 1 
ATOM   390 C  "C1'" . U   B 1 6  ? 7.467   5.076   1.897   1.00 8.83  ? 19  U   B "C1'" 1 
ATOM   391 N  N1    . U   B 1 6  ? 6.450   4.255   1.221   1.00 8.12  ? 19  U   B N1    1 
ATOM   392 C  C2    . U   B 1 6  ? 5.487   4.909   0.477   1.00 9.13  ? 19  U   B C2    1 
ATOM   393 O  O2    . U   B 1 6  ? 5.436   6.125   0.388   1.00 10.23 ? 19  U   B O2    1 
ATOM   394 N  N3    . U   B 1 6  ? 4.586   4.086   -0.156  1.00 8.38  ? 19  U   B N3    1 
ATOM   395 C  C4    . U   B 1 6  ? 4.549   2.704   -0.110  1.00 10.31 ? 19  U   B C4    1 
ATOM   396 O  O4    . U   B 1 6  ? 3.710   2.095   -0.777  1.00 10.10 ? 19  U   B O4    1 
ATOM   397 C  C5    . U   B 1 6  ? 5.565   2.108   0.700   1.00 10.00 ? 19  U   B C5    1 
ATOM   398 C  C6    . U   B 1 6  ? 6.458   2.882   1.321   1.00 8.50  ? 19  U   B C6    1 
ATOM   399 P  P     . G   B 1 7  ? 6.425   4.799   6.478   1.00 12.22 ? 20  G   B P     1 
ATOM   400 O  OP1   . G   B 1 7  ? 6.943   4.819   7.872   1.00 14.75 ? 20  G   B OP1   1 
ATOM   401 O  OP2   . G   B 1 7  ? 5.460   3.747   6.070   1.00 11.71 ? 20  G   B OP2   1 
ATOM   402 O  "O5'" . G   B 1 7  ? 5.823   6.231   6.168   1.00 12.98 ? 20  G   B "O5'" 1 
ATOM   403 C  "C5'" . G   B 1 7  ? 4.437   6.451   6.090   1.00 13.73 ? 20  G   B "C5'" 1 
ATOM   404 C  "C4'" . G   B 1 7  ? 4.189   7.731   5.347   1.00 13.91 ? 20  G   B "C4'" 1 
ATOM   405 O  "O4'" . G   B 1 7  ? 4.520   7.542   3.945   1.00 13.16 ? 20  G   B "O4'" 1 
ATOM   406 C  "C3'" . G   B 1 7  ? 2.752   8.192   5.322   1.00 14.57 ? 20  G   B "C3'" 1 
ATOM   407 O  "O3'" . G   B 1 7  ? 2.459   8.878   6.529   1.00 16.54 ? 20  G   B "O3'" 1 
ATOM   408 C  "C2'" . G   B 1 7  ? 2.750   9.100   4.102   1.00 14.86 ? 20  G   B "C2'" 1 
ATOM   409 O  "O2'" . G   B 1 7  ? 3.350   10.355  4.353   1.00 15.67 ? 20  G   B "O2'" 1 
ATOM   410 C  "C1'" . G   B 1 7  ? 3.621   8.287   3.143   1.00 13.37 ? 20  G   B "C1'" 1 
ATOM   411 N  N9    . G   B 1 7  ? 2.799   7.361   2.370   1.00 13.22 ? 20  G   B N9    1 
ATOM   412 C  C8    . G   B 1 7  ? 1.891   7.721   1.405   1.00 12.50 ? 20  G   B C8    1 
ATOM   413 N  N7    . G   B 1 7  ? 1.270   6.704   0.877   1.00 10.95 ? 20  G   B N7    1 
ATOM   414 C  C5    . G   B 1 7  ? 1.800   5.598   1.526   1.00 10.49 ? 20  G   B C5    1 
ATOM   415 C  C6    . G   B 1 7  ? 1.502   4.224   1.370   1.00 10.34 ? 20  G   B C6    1 
ATOM   416 O  O6    . G   B 1 7  ? 0.689   3.698   0.603   1.00 10.42 ? 20  G   B O6    1 
ATOM   417 N  N1    . G   B 1 7  ? 2.263   3.434   2.225   1.00 11.12 ? 20  G   B N1    1 
ATOM   418 C  C2    . G   B 1 7  ? 3.192   3.908   3.116   1.00 11.34 ? 20  G   B C2    1 
ATOM   419 N  N2    . G   B 1 7  ? 3.817   2.976   3.859   1.00 12.05 ? 20  G   B N2    1 
ATOM   420 N  N3    . G   B 1 7  ? 3.487   5.193   3.268   1.00 10.90 ? 20  G   B N3    1 
ATOM   421 C  C4    . G   B 1 7  ? 2.753   5.980   2.447   1.00 10.78 ? 20  G   B C4    1 
ATOM   422 P  P     . A   B 1 8  ? 1.029   8.676   7.218   1.00 16.73 ? 21  A   B P     1 
ATOM   423 O  OP1   . A   B 1 8  ? 0.974   9.563   8.410   1.00 18.95 ? 21  A   B OP1   1 
ATOM   424 O  OP2   . A   B 1 8  ? 0.762   7.224   7.366   1.00 17.82 ? 21  A   B OP2   1 
ATOM   425 O  "O5'" . A   B 1 8  ? 0.008   9.240   6.136   1.00 14.02 ? 21  A   B "O5'" 1 
ATOM   426 C  "C5'" . A   B 1 8  ? 0.060   10.601  5.724   1.00 12.58 ? 21  A   B "C5'" 1 
ATOM   427 C  "C4'" . A   B 1 8  ? -0.962  10.848  4.645   1.00 11.91 ? 21  A   B "C4'" 1 
ATOM   428 O  "O4'" . A   B 1 8  ? -0.585  10.123  3.443   1.00 11.56 ? 21  A   B "O4'" 1 
ATOM   429 C  "C3'" . A   B 1 8  ? -2.353  10.325  4.956   1.00 11.39 ? 21  A   B "C3'" 1 
ATOM   430 O  "O3'" . A   B 1 8  ? -3.072  11.233  5.773   1.00 11.50 ? 21  A   B "O3'" 1 
ATOM   431 C  "C2'" . A   B 1 8  ? -2.950  10.203  3.564   1.00 10.69 ? 21  A   B "C2'" 1 
ATOM   432 O  "O2'" . A   B 1 8  ? -3.334  11.461  3.041   1.00 12.65 ? 21  A   B "O2'" 1 
ATOM   433 C  "C1'" . A   B 1 8  ? -1.753  9.655   2.785   1.00 10.77 ? 21  A   B "C1'" 1 
ATOM   434 N  N9    . A   B 1 8  ? -1.723  8.192   2.780   1.00 11.68 ? 21  A   B N9    1 
ATOM   435 C  C8    . A   B 1 8  ? -0.854  7.360   3.444   1.00 10.62 ? 21  A   B C8    1 
ATOM   436 N  N7    . A   B 1 8  ? -1.087  6.085   3.244   1.00 11.23 ? 21  A   B N7    1 
ATOM   437 C  C5    . A   B 1 8  ? -2.182  6.074   2.389   1.00 10.77 ? 21  A   B C5    1 
ATOM   438 C  C6    . A   B 1 8  ? -2.919  5.026   1.803   1.00 11.18 ? 21  A   B C6    1 
ATOM   439 N  N6    . A   B 1 8  ? -2.648  3.732   1.992   1.00 11.73 ? 21  A   B N6    1 
ATOM   440 N  N1    . A   B 1 8  ? -3.957  5.358   1.006   1.00 12.21 ? 21  A   B N1    1 
ATOM   441 C  C2    . A   B 1 8  ? -4.227  6.655   0.814   1.00 11.13 ? 21  A   B C2    1 
ATOM   442 N  N3    . A   B 1 8  ? -3.608  7.727   1.304   1.00 10.84 ? 21  A   B N3    1 
ATOM   443 C  C4    . A   B 1 8  ? -2.584  7.366   2.095   1.00 10.57 ? 21  A   B C4    1 
ATOM   444 P  P     . A   B 1 9  ? -3.967  10.669  6.977   1.00 13.16 ? 22  A   B P     1 
ATOM   445 O  OP1   . A   B 1 9  ? -4.502  11.842  7.718   1.00 15.00 ? 22  A   B OP1   1 
ATOM   446 O  OP2   . A   B 1 9  ? -3.200  9.625   7.699   1.00 14.71 ? 22  A   B OP2   1 
ATOM   447 O  "O5'" . A   B 1 9  ? -5.181  9.963   6.233   1.00 12.56 ? 22  A   B "O5'" 1 
ATOM   448 C  "C5'" . A   B 1 9  ? -6.038  10.720  5.395   1.00 11.73 ? 22  A   B "C5'" 1 
ATOM   449 C  "C4'" . A   B 1 9  ? -7.023  9.817   4.709   1.00 11.41 ? 22  A   B "C4'" 1 
ATOM   450 O  "O4'" . A   B 1 9  ? -6.336  8.974   3.749   1.00 13.48 ? 22  A   B "O4'" 1 
ATOM   451 C  "C3'" . A   B 1 9  ? -7.726  8.811   5.600   1.00 11.01 ? 22  A   B "C3'" 1 
ATOM   452 O  "O3'" . A   B 1 9  ? -8.771  9.417   6.346   1.00 10.99 ? 22  A   B "O3'" 1 
ATOM   453 C  "C2'" . A   B 1 9  ? -8.239  7.820   4.566   1.00 12.13 ? 22  A   B "C2'" 1 
ATOM   454 O  "O2'" . A   B 1 9  ? -9.372  8.299   3.873   1.00 11.91 ? 22  A   B "O2'" 1 
ATOM   455 C  "C1'" . A   B 1 9  ? -7.047  7.754   3.607   1.00 11.12 ? 22  A   B "C1'" 1 
ATOM   456 N  N9    . A   B 1 9  ? -6.152  6.648   3.935   1.00 12.09 ? 22  A   B N9    1 
ATOM   457 C  C8    . A   B 1 9  ? -4.952  6.665   4.601   1.00 12.20 ? 22  A   B C8    1 
ATOM   458 N  N7    . A   B 1 9  ? -4.411  5.477   4.741   1.00 11.77 ? 22  A   B N7    1 
ATOM   459 C  C5    . A   B 1 9  ? -5.315  4.624   4.122   1.00 10.27 ? 22  A   B C5    1 
ATOM   460 C  C6    . A   B 1 9  ? -5.327  3.228   3.924   1.00 10.61 ? 22  A   B C6    1 
ATOM   461 N  N6    . A   B 1 9  ? -4.365  2.408   4.347   1.00 11.55 ? 22  A   B N6    1 
ATOM   462 N  N1    . A   B 1 9  ? -6.380  2.696   3.264   1.00 9.93  ? 22  A   B N1    1 
ATOM   463 C  C2    . A   B 1 9  ? -7.348  3.515   2.837   1.00 11.01 ? 22  A   B C2    1 
ATOM   464 N  N3    . A   B 1 9  ? -7.449  4.836   2.961   1.00 10.94 ? 22  A   B N3    1 
ATOM   465 C  C4    . A   B 1 9  ? -6.389  5.334   3.619   1.00 11.14 ? 22  A   B C4    1 
ATOM   466 P  P     . A   B 1 10 ? -9.246  8.749   7.727   1.00 11.53 ? 23  A   B P     1 
ATOM   467 O  OP1   . A   B 1 10 ? -10.049 9.770   8.456   1.00 13.15 ? 23  A   B OP1   1 
ATOM   468 O  OP2   . A   B 1 10 ? -8.066  8.128   8.388   1.00 14.26 ? 23  A   B OP2   1 
ATOM   469 O  "O5'" . A   B 1 10 ? -10.232 7.590   7.263   1.00 10.84 ? 23  A   B "O5'" 1 
ATOM   470 C  "C5'" . A   B 1 10 ? -11.436 7.908   6.579   1.00 10.36 ? 23  A   B "C5'" 1 
ATOM   471 C  "C4'" . A   B 1 10 ? -12.076 6.664   6.011   1.00 8.42  ? 23  A   B "C4'" 1 
ATOM   472 O  "O4'" . A   B 1 10 ? -11.175 6.024   5.063   1.00 9.43  ? 23  A   B "O4'" 1 
ATOM   473 C  "C3'" . A   B 1 10 ? -12.409 5.548   6.987   1.00 10.10 ? 23  A   B "C3'" 1 
ATOM   474 O  "O3'" . A   B 1 10 ? -13.628 5.829   7.661   1.00 10.56 ? 23  A   B "O3'" 1 
ATOM   475 C  "C2'" . A   B 1 10 ? -12.556 4.375   6.030   1.00 9.16  ? 23  A   B "C2'" 1 
ATOM   476 O  "O2'" . A   B 1 10 ? -13.752 4.473   5.280   1.00 9.78  ? 23  A   B "O2'" 1 
ATOM   477 C  "C1'" . A   B 1 10 ? -11.374 4.619   5.094   1.00 10.50 ? 23  A   B "C1'" 1 
ATOM   478 N  N9    . A   B 1 10 ? -10.134 3.999   5.560   1.00 9.44  ? 23  A   B N9    1 
ATOM   479 C  C8    . A   B 1 10 ? -9.101  4.602   6.240   1.00 10.31 ? 23  A   B C8    1 
ATOM   480 N  N7    . A   B 1 10 ? -8.102  3.795   6.511   1.00 12.00 ? 23  A   B N7    1 
ATOM   481 C  C5    . A   B 1 10 ? -8.503  2.579   5.974   1.00 11.14 ? 23  A   B C5    1 
ATOM   482 C  C6    . A   B 1 10 ? -7.880  1.319   5.922   1.00 10.35 ? 23  A   B C6    1 
ATOM   483 N  N6    . A   B 1 10 ? -6.669  1.073   6.426   1.00 10.95 ? 23  A   B N6    1 
ATOM   484 N  N1    . A   B 1 10 ? -8.552  0.312   5.322   1.00 9.61  ? 23  A   B N1    1 
ATOM   485 C  C2    . A   B 1 10 ? -9.763  0.565   4.808   1.00 10.13 ? 23  A   B C2    1 
ATOM   486 N  N3    . A   B 1 10 ? -10.449 1.708   4.788   1.00 11.03 ? 23  A   B N3    1 
ATOM   487 C  C4    . A   B 1 10 ? -9.755  2.688   5.395   1.00 11.11 ? 23  A   B C4    1 
ATOM   488 P  P     . C   B 1 11 ? -13.959 5.100   9.060   1.00 11.05 ? 24  C   B P     1 
ATOM   489 O  OP1   . C   B 1 11 ? -15.191 5.752   9.577   1.00 12.46 ? 24  C   B OP1   1 
ATOM   490 O  OP2   . C   B 1 11 ? -12.745 5.059   9.909   1.00 13.40 ? 24  C   B OP2   1 
ATOM   491 O  "O5'" . C   B 1 11 ? -14.310 3.605   8.641   1.00 10.63 ? 24  C   B "O5'" 1 
ATOM   492 C  "C5'" . C   B 1 11 ? -15.416 3.331   7.794   1.00 9.60  ? 24  C   B "C5'" 1 
ATOM   493 C  "C4'" . C   B 1 11 ? -15.418 1.878   7.396   1.00 9.73  ? 24  C   B "C4'" 1 
ATOM   494 O  "O4'" . C   B 1 11 ? -14.221 1.583   6.627   1.00 9.22  ? 24  C   B "O4'" 1 
ATOM   495 C  "C3'" . C   B 1 11 ? -15.339 0.886   8.539   1.00 9.76  ? 24  C   B "C3'" 1 
ATOM   496 O  "O3'" . C   B 1 11 ? -16.597 0.710   9.161   1.00 10.68 ? 24  C   B "O3'" 1 
ATOM   497 C  "C2'" . C   B 1 11 ? -14.863 -0.362  7.814   1.00 9.14  ? 24  C   B "C2'" 1 
ATOM   498 O  "O2'" . C   B 1 11 ? -15.892 -0.944  7.031   1.00 10.70 ? 24  C   B "O2'" 1 
ATOM   499 C  "C1'" . C   B 1 11 ? -13.812 0.245   6.885   1.00 9.70  ? 24  C   B "C1'" 1 
ATOM   500 N  N1    . C   B 1 11 ? -12.470 0.280   7.489   1.00 9.21  ? 24  C   B N1    1 
ATOM   501 C  C2    . C   B 1 11 ? -11.693 -0.874  7.441   1.00 9.71  ? 24  C   B C2    1 
ATOM   502 O  O2    . C   B 1 11 ? -12.178 -1.892  6.933   1.00 11.13 ? 24  C   B O2    1 
ATOM   503 N  N3    . C   B 1 11 ? -10.442 -0.854  7.956   1.00 9.43  ? 24  C   B N3    1 
ATOM   504 C  C4    . C   B 1 11 ? -9.970  0.261   8.518   1.00 8.64  ? 24  C   B C4    1 
ATOM   505 N  N4    . C   B 1 11 ? -8.723  0.245   9.002   1.00 10.08 ? 24  C   B N4    1 
ATOM   506 C  C5    . C   B 1 11 ? -10.755 1.449   8.606   1.00 9.13  ? 24  C   B C5    1 
ATOM   507 C  C6    . C   B 1 11 ? -11.986 1.414   8.081   1.00 11.40 ? 24  C   B C6    1 
ATOM   508 P  P     . G   B 1 12 ? -16.661 0.424   10.738  1.00 11.83 ? 25  G   B P     1 
ATOM   509 O  OP1   . G   B 1 12 ? -18.088 0.418   11.146  1.00 15.16 ? 25  G   B OP1   1 
ATOM   510 O  OP2   . G   B 1 12 ? -15.693 1.286   11.461  1.00 13.33 ? 25  G   B OP2   1 
ATOM   511 O  "O5'" . G   B 1 12 ? -16.120 -1.064  10.855  1.00 9.69  ? 25  G   B "O5'" 1 
ATOM   512 C  "C5'" . G   B 1 12 ? -16.855 -2.138  10.289  1.00 9.39  ? 25  G   B "C5'" 1 
ATOM   513 C  "C4'" . G   B 1 12 ? -16.086 -3.420  10.437  1.00 9.66  ? 25  G   B "C4'" 1 
ATOM   514 O  "O4'" . G   B 1 12 ? -14.865 -3.346  9.655   1.00 11.12 ? 25  G   B "O4'" 1 
ATOM   515 C  "C3'" . G   B 1 12 ? -15.579 -3.703  11.837  1.00 10.19 ? 25  G   B "C3'" 1 
ATOM   516 O  "O3'" . G   B 1 12 ? -16.601 -4.228  12.667  1.00 10.75 ? 25  G   B "O3'" 1 
ATOM   517 C  "C2'" . G   B 1 12 ? -14.471 -4.708  11.560  1.00 10.26 ? 25  G   B "C2'" 1 
ATOM   518 O  "O2'" . G   B 1 12 ? -14.971 -6.007  11.306  1.00 11.89 ? 25  G   B "O2'" 1 
ATOM   519 C  "C1'" . G   B 1 12 ? -13.853 -4.116  10.292  1.00 9.02  ? 25  G   B "C1'" 1 
ATOM   520 N  N9    . G   B 1 12 ? -12.724 -3.245  10.613  1.00 9.90  ? 25  G   B N9    1 
ATOM   521 C  C8    . G   B 1 12 ? -12.718 -1.872  10.698  1.00 9.58  ? 25  G   B C8    1 
ATOM   522 N  N7    . G   B 1 12 ? -11.550 -1.386  11.033  1.00 10.36 ? 25  G   B N7    1 
ATOM   523 C  C5    . G   B 1 12 ? -10.739 -2.506  11.169  1.00 10.05 ? 25  G   B C5    1 
ATOM   524 C  C6    . G   B 1 12 ? -9.364  -2.616  11.520  1.00 9.61  ? 25  G   B C6    1 
ATOM   525 O  O6    . G   B 1 12 ? -8.560  -1.714  11.784  1.00 11.50 ? 25  G   B O6    1 
ATOM   526 N  N1    . G   B 1 12 ? -8.947  -3.946  11.547  1.00 10.53 ? 25  G   B N1    1 
ATOM   527 C  C2    . G   B 1 12 ? -9.745  -5.028  11.275  1.00 10.90 ? 25  G   B C2    1 
ATOM   528 N  N2    . G   B 1 12 ? -9.162  -6.231  11.359  1.00 11.20 ? 25  G   B N2    1 
ATOM   529 N  N3    . G   B 1 12 ? -11.022 -4.940  10.945  1.00 10.95 ? 25  G   B N3    1 
ATOM   530 C  C4    . G   B 1 12 ? -11.450 -3.659  10.911  1.00 10.20 ? 25  G   B C4    1 
ATOM   531 P  P     . C   B 1 13 ? -16.570 -3.917  14.241  1.00 12.12 ? 26  C   B P     1 
ATOM   532 O  OP1   . C   B 1 13 ? -17.846 -4.417  14.804  1.00 12.88 ? 26  C   B OP1   1 
ATOM   533 O  OP2   . C   B 1 13 ? -16.179 -2.501  14.458  1.00 13.35 ? 26  C   B OP2   1 
ATOM   534 O  "O5'" . C   B 1 13 ? -15.382 -4.836  14.767  1.00 12.15 ? 26  C   B "O5'" 1 
ATOM   535 C  "C5'" . C   B 1 13 ? -15.424 -6.247  14.578  1.00 12.43 ? 26  C   B "C5'" 1 
ATOM   536 C  "C4'" . C   B 1 13 ? -14.096 -6.864  14.933  1.00 11.95 ? 26  C   B "C4'" 1 
ATOM   537 O  "O4'" . C   B 1 13 ? -13.066 -6.336  14.058  1.00 10.99 ? 26  C   B "O4'" 1 
ATOM   538 C  "C3'" . C   B 1 13 ? -13.571 -6.547  16.322  1.00 11.62 ? 26  C   B "C3'" 1 
ATOM   539 O  "O3'" . C   B 1 13 ? -14.204 -7.316  17.347  1.00 13.64 ? 26  C   B "O3'" 1 
ATOM   540 C  "C2'" . C   B 1 13 ? -12.087 -6.844  16.165  1.00 10.98 ? 26  C   B "C2'" 1 
ATOM   541 O  "O2'" . C   B 1 13 ? -11.813 -8.230  16.199  1.00 11.15 ? 26  C   B "O2'" 1 
ATOM   542 C  "C1'" . C   B 1 13 ? -11.829 -6.318  14.750  1.00 10.71 ? 26  C   B "C1'" 1 
ATOM   543 N  N1    . C   B 1 13 ? -11.302 -4.944  14.740  1.00 9.62  ? 26  C   B N1    1 
ATOM   544 C  C2    . C   B 1 13 ? -9.926  -4.769  14.871  1.00 9.54  ? 26  C   B C2    1 
ATOM   545 O  O2    . C   B 1 13 ? -9.208  -5.770  14.976  1.00 11.32 ? 26  C   B O2    1 
ATOM   546 N  N3    . C   B 1 13 ? -9.416  -3.517  14.882  1.00 9.13  ? 26  C   B N3    1 
ATOM   547 C  C4    . C   B 1 13 ? -10.227 -2.466  14.773  1.00 8.91  ? 26  C   B C4    1 
ATOM   548 N  N4    . C   B 1 13 ? -9.676  -1.247  14.801  1.00 10.39 ? 26  C   B N4    1 
ATOM   549 C  C5    . C   B 1 13 ? -11.639 -2.615  14.633  1.00 9.97  ? 26  C   B C5    1 
ATOM   550 C  C6    . C   B 1 13 ? -12.129 -3.863  14.619  1.00 9.12  ? 26  C   B C6    1 
HETATM 551 NA NA    . NA  C 2 .  ? -2.989  -1.560  4.833   0.78 31.37 ? 14  NA  A NA    1 
HETATM 552 NA NA    . NA  D 2 .  ? -3.623  1.325   -4.636  0.99 17.18 ? 15  NA  A NA    1 
HETATM 553 NA NA    . NA  E 2 .  ? 2.684   3.211   -7.782  0.87 28.35 ? 16  NA  A NA    1 
HETATM 554 MN MN    . MN  F 3 .  ? 8.314   2.788   -12.344 0.64 46.39 ? 17  MN  A MN    1 
HETATM 555 NA NA    . NA  G 2 .  ? 4.112   -1.877  -4.447  0.81 28.67 ? 1   NA  B NA    1 
HETATM 556 O  O     . HOH H 4 .  ? 18.610  1.168   -7.820  1.00 10.58 ? 18  HOH A O     1 
HETATM 557 O  O     . HOH H 4 .  ? -6.581  -11.669 2.624   1.00 13.08 ? 19  HOH A O     1 
HETATM 558 O  O     . HOH H 4 .  ? -2.344  0.119   0.727   1.00 20.53 ? 20  HOH A O     1 
HETATM 559 O  O     . HOH H 4 .  ? -2.633  -6.243  6.630   0.94 17.93 ? 21  HOH A O     1 
HETATM 560 O  O     . HOH H 4 .  ? 9.246   5.368   -9.780  0.91 17.54 ? 22  HOH A O     1 
HETATM 561 O  O     . HOH H 4 .  ? 10.355  1.914   -11.946 1.00 13.98 ? 23  HOH A O     1 
HETATM 562 O  O     . HOH H 4 .  ? 2.041   10.016  -2.002  1.00 15.58 ? 24  HOH A O     1 
HETATM 563 O  O     . HOH H 4 .  ? -4.839  -0.598  8.960   1.00 19.73 ? 25  HOH A O     1 
HETATM 564 O  O     . HOH H 4 .  ? -3.351  -3.162  8.740   0.98 13.73 ? 26  HOH A O     1 
HETATM 565 O  O     . HOH H 4 .  ? -0.070  1.267   0.179   1.00 13.94 ? 27  HOH A O     1 
HETATM 566 O  O     . HOH H 4 .  ? 15.242  5.318   -12.902 1.00 14.12 ? 28  HOH A O     1 
HETATM 567 O  O     . HOH H 4 .  ? 13.248  3.064   -3.578  0.99 15.39 ? 29  HOH A O     1 
HETATM 568 O  O     . HOH H 4 .  ? 7.668   0.813   -12.613 0.98 18.17 ? 30  HOH A O     1 
HETATM 569 O  O     . HOH H 4 .  ? -5.839  0.382   -4.780  0.99 20.70 ? 31  HOH A O     1 
HETATM 570 O  O     . HOH H 4 .  ? -2.246  -7.935  16.787  1.00 14.35 ? 32  HOH A O     1 
HETATM 571 O  O     . HOH H 4 .  ? 12.279  3.931   -11.497 1.00 20.68 ? 33  HOH A O     1 
HETATM 572 O  O     . HOH H 4 .  ? 7.424   7.885   -2.439  0.97 14.91 ? 34  HOH A O     1 
HETATM 573 O  O     . HOH H 4 .  ? -3.046  9.117   -3.044  1.00 12.12 ? 35  HOH A O     1 
HETATM 574 O  O     . HOH H 4 .  ? -5.056  -8.027  16.553  1.00 13.63 ? 36  HOH A O     1 
HETATM 575 O  O     . HOH H 4 .  ? -1.700  -0.270  3.592   0.96 30.52 ? 37  HOH A O     1 
HETATM 576 O  O     . HOH H 4 .  ? -4.200  -3.808  -1.142  1.00 18.14 ? 38  HOH A O     1 
HETATM 577 O  O     . HOH H 4 .  ? 15.524  5.061   -4.333  1.00 14.25 ? 39  HOH A O     1 
HETATM 578 O  O     . HOH H 4 .  ? -9.783  -8.220  -2.346  1.00 31.56 ? 40  HOH A O     1 
HETATM 579 O  O     . HOH H 4 .  ? -1.186  -9.490  4.808   1.00 18.24 ? 41  HOH A O     1 
HETATM 580 O  O     . HOH H 4 .  ? -1.135  -4.817  9.376   1.00 18.71 ? 42  HOH A O     1 
HETATM 581 O  O     . HOH H 4 .  ? -3.303  8.193   -11.649 0.95 16.45 ? 43  HOH A O     1 
HETATM 582 O  O     . HOH H 4 .  ? -0.357  9.913   -0.568  1.00 16.41 ? 44  HOH A O     1 
HETATM 583 O  O     . HOH H 4 .  ? 2.413   11.858  -10.416 0.80 36.53 ? 45  HOH A O     1 
HETATM 584 O  O     . HOH H 4 .  ? -5.816  -4.024  -4.347  0.81 38.99 ? 46  HOH A O     1 
HETATM 585 O  O     . HOH H 4 .  ? 1.545   -7.807  15.967  1.00 19.28 ? 47  HOH A O     1 
HETATM 586 O  O     . HOH H 4 .  ? -2.083  -3.339  6.147   0.84 29.05 ? 48  HOH A O     1 
HETATM 587 O  O     . HOH H 4 .  ? 18.434  -5.067  -10.866 0.92 18.15 ? 49  HOH A O     1 
HETATM 588 O  O     . HOH H 4 .  ? 4.781   2.071   -7.938  0.99 22.10 ? 50  HOH A O     1 
HETATM 589 O  O     . HOH H 4 .  ? -2.718  -3.368  3.312   1.00 28.11 ? 51  HOH A O     1 
HETATM 590 O  O     . HOH H 4 .  ? -1.272  -7.793  19.406  1.00 19.95 ? 52  HOH A O     1 
HETATM 591 O  O     . HOH H 4 .  ? -2.291  -2.475  0.768   1.00 32.53 ? 53  HOH A O     1 
HETATM 592 O  O     . HOH H 4 .  ? 14.221  -9.942  -15.708 0.97 17.29 ? 54  HOH A O     1 
HETATM 593 O  O     . HOH H 4 .  ? -1.298  2.309   -5.108  1.00 23.69 ? 55  HOH A O     1 
HETATM 594 O  O     . HOH H 4 .  ? -9.374  7.706   -4.021  1.00 19.55 ? 56  HOH A O     1 
HETATM 595 O  O     . HOH H 4 .  ? 16.215  0.591   -4.239  1.00 33.37 ? 57  HOH A O     1 
HETATM 596 O  O     . HOH H 4 .  ? 18.451  3.247   -13.957 1.00 22.15 ? 58  HOH A O     1 
HETATM 597 O  O     . HOH H 4 .  ? 8.981   4.619   -12.427 1.00 30.63 ? 59  HOH A O     1 
HETATM 598 O  O     . HOH H 4 .  ? 10.111  0.839   -14.676 0.99 24.59 ? 60  HOH A O     1 
HETATM 599 O  O     . HOH H 4 .  ? 7.262   2.724   -9.993  1.00 22.41 ? 61  HOH A O     1 
HETATM 600 O  O     . HOH H 4 .  ? -7.805  -8.650  13.881  1.00 21.87 ? 62  HOH A O     1 
HETATM 601 O  O     . HOH H 4 .  ? -3.816  1.569   15.023  0.99 25.49 ? 63  HOH A O     1 
HETATM 602 O  O     . HOH H 4 .  ? 3.831   4.824   -9.630  1.00 19.86 ? 64  HOH A O     1 
HETATM 603 O  O     . HOH H 4 .  ? -4.194  2.385   -6.785  1.00 22.89 ? 65  HOH A O     1 
HETATM 604 O  O     . HOH H 4 .  ? -3.494  -0.186  12.035  1.00 29.05 ? 66  HOH A O     1 
HETATM 605 O  O     . HOH H 4 .  ? -2.773  -0.582  -6.100  0.94 27.66 ? 67  HOH A O     1 
HETATM 606 O  O     . HOH H 4 .  ? -0.062  11.274  -11.129 0.98 34.61 ? 68  HOH A O     1 
HETATM 607 O  O     . HOH H 4 .  ? -8.866  1.177   -10.224 1.00 31.12 ? 69  HOH A O     1 
HETATM 608 O  O     . HOH H 4 .  ? 7.631   11.891  -10.292 1.00 36.98 ? 70  HOH A O     1 
HETATM 609 O  O     . HOH H 4 .  ? 6.096   5.116   -8.253  1.00 16.36 ? 71  HOH A O     1 
HETATM 610 O  O     . HOH H 4 .  ? 3.450   -6.694  14.292  1.00 30.41 ? 72  HOH A O     1 
HETATM 611 O  O     . HOH H 4 .  ? 0.938   4.666   -7.783  1.00 28.54 ? 73  HOH A O     1 
HETATM 612 O  O     . HOH H 4 .  ? 15.649  -6.028  -18.089 1.00 25.08 ? 74  HOH A O     1 
HETATM 613 O  O     . HOH H 4 .  ? 1.904   2.265   -9.928  1.00 43.36 ? 75  HOH A O     1 
HETATM 614 O  O     . HOH H 4 .  ? 4.404   13.681  -10.604 0.77 45.64 ? 76  HOH A O     1 
HETATM 615 O  O     . HOH H 4 .  ? -8.472  -0.572  -7.612  1.00 24.87 ? 77  HOH A O     1 
HETATM 616 O  O     . HOH H 4 .  ? -12.538 -3.464  1.224   1.00 36.24 ? 78  HOH A O     1 
HETATM 617 O  O     . HOH H 4 .  ? -7.095  -6.459  -4.610  0.86 37.10 ? 79  HOH A O     1 
HETATM 618 O  O     . HOH H 4 .  ? 6.590   7.491   -11.797 1.00 28.26 ? 80  HOH A O     1 
HETATM 619 O  O     . HOH H 4 .  ? 13.119  -12.159 -14.733 1.00 25.38 ? 81  HOH A O     1 
HETATM 620 O  O     . HOH H 4 .  ? 13.638  7.315   -14.303 1.00 31.68 ? 82  HOH A O     1 
HETATM 621 O  O     . HOH H 4 .  ? -3.111  0.183   -2.616  1.00 18.30 ? 83  HOH A O     1 
HETATM 622 O  O     . HOH H 4 .  ? -5.233  -1.460  -2.008  0.98 17.20 ? 84  HOH A O     1 
HETATM 623 O  O     . HOH H 4 .  ? 9.998   10.656  -10.774 0.87 17.95 ? 85  HOH A O     1 
HETATM 624 O  O     . HOH I 4 .  ? -13.152 -9.524  17.955  1.00 8.89  ? 27  HOH B O     1 
HETATM 625 O  O     . HOH I 4 .  ? 7.476   -2.954  5.208   1.00 12.93 ? 28  HOH B O     1 
HETATM 626 O  O     . HOH I 4 .  ? -12.505 -2.713  4.137   1.00 17.64 ? 29  HOH B O     1 
HETATM 627 O  O     . HOH I 4 .  ? 13.005  1.627   3.193   0.99 12.35 ? 30  HOH B O     1 
HETATM 628 O  O     . HOH I 4 .  ? -9.703  6.262   2.079   1.00 15.49 ? 31  HOH B O     1 
HETATM 629 O  O     . HOH I 4 .  ? -4.730  10.178  1.039   0.99 16.19 ? 32  HOH B O     1 
HETATM 630 O  O     . HOH I 4 .  ? -11.035 1.213   12.128  1.00 17.45 ? 33  HOH B O     1 
HETATM 631 O  O     . HOH I 4 .  ? 12.222  -6.791  -8.461  1.00 15.64 ? 34  HOH B O     1 
HETATM 632 O  O     . HOH I 4 .  ? 2.620   -0.433  -0.734  1.00 24.20 ? 35  HOH B O     1 
HETATM 633 O  O     . HOH I 4 .  ? 5.759   -5.438  -1.383  1.00 18.13 ? 36  HOH B O     1 
HETATM 634 O  O     . HOH I 4 .  ? 4.532   -6.090  -4.526  0.99 17.54 ? 37  HOH B O     1 
HETATM 635 O  O     . HOH I 4 .  ? 10.668  -10.908 -3.399  1.00 15.04 ? 38  HOH B O     1 
HETATM 636 O  O     . HOH I 4 .  ? -18.641 -1.027  7.358   0.97 14.47 ? 39  HOH B O     1 
HETATM 637 O  O     . HOH I 4 .  ? 10.957  -7.624  2.686   1.00 15.75 ? 40  HOH B O     1 
HETATM 638 O  O     . HOH I 4 .  ? 6.367   -9.660  -14.290 0.93 21.84 ? 41  HOH B O     1 
HETATM 639 O  O     . HOH I 4 .  ? 2.058   -0.905  -3.377  0.89 29.79 ? 42  HOH B O     1 
HETATM 640 O  O     . HOH I 4 .  ? -0.392  -10.486 -14.051 1.00 20.92 ? 43  HOH B O     1 
HETATM 641 O  O     . HOH I 4 .  ? 11.745  2.265   6.609   1.00 17.94 ? 44  HOH B O     1 
HETATM 642 O  O     . HOH I 4 .  ? -15.073 8.867   8.431   0.68 28.98 ? 45  HOH B O     1 
HETATM 643 O  O     . HOH I 4 .  ? 5.177   -1.199  -8.395  1.00 18.75 ? 46  HOH B O     1 
HETATM 644 O  O     . HOH I 4 .  ? 4.294   -3.815  -8.086  1.00 30.41 ? 47  HOH B O     1 
HETATM 645 O  O     . HOH I 4 .  ? 3.473   -9.685  -15.046 1.00 16.75 ? 48  HOH B O     1 
HETATM 646 O  O     . HOH I 4 .  ? -8.816  12.048  9.353   0.98 20.60 ? 49  HOH B O     1 
HETATM 647 O  O     . HOH I 4 .  ? -17.583 -7.366  11.995  0.99 18.55 ? 50  HOH B O     1 
HETATM 648 O  O     . HOH I 4 .  ? 2.298   12.233  2.963   1.00 16.54 ? 51  HOH B O     1 
HETATM 649 O  O     . HOH I 4 .  ? 12.947  -5.941  0.790   1.00 19.27 ? 52  HOH B O     1 
HETATM 650 O  O     . HOH I 4 .  ? 6.348   8.600   0.113   1.00 17.02 ? 53  HOH B O     1 
HETATM 651 O  O     . HOH I 4 .  ? 10.837  3.612   -0.392  1.00 15.46 ? 54  HOH B O     1 
HETATM 652 O  O     . HOH I 4 .  ? -6.051  11.544  9.839   0.95 30.48 ? 55  HOH B O     1 
HETATM 653 O  O     . HOH I 4 .  ? -8.999  -8.386  16.294  0.97 18.51 ? 56  HOH B O     1 
HETATM 654 O  O     . HOH I 4 .  ? -1.690  -1.603  -16.521 0.94 31.35 ? 57  HOH B O     1 
HETATM 655 O  O     . HOH I 4 .  ? 0.173   4.235   4.878   1.00 22.34 ? 58  HOH B O     1 
HETATM 656 O  O     . HOH I 4 .  ? 5.475   -0.022  -14.240 0.89 29.50 ? 59  HOH B O     1 
HETATM 657 O  O     . HOH I 4 .  ? 2.934   10.864  0.760   1.00 17.00 ? 60  HOH B O     1 
HETATM 658 O  O     . HOH I 4 .  ? 3.308   -3.748  -5.684  0.92 25.22 ? 61  HOH B O     1 
HETATM 659 O  O     . HOH I 4 .  ? 4.226   -3.621  -2.718  1.00 23.38 ? 62  HOH B O     1 
HETATM 660 O  O     . HOH I 4 .  ? 13.143  -1.258  -1.857  1.00 31.08 ? 63  HOH B O     1 
HETATM 661 O  O     . HOH I 4 .  ? -19.706 -2.746  16.397  1.00 36.93 ? 64  HOH B O     1 
HETATM 662 O  O     . HOH I 4 .  ? 3.598   -0.493  -16.896 1.00 36.60 ? 65  HOH B O     1 
HETATM 663 O  O     . HOH I 4 .  ? -7.857  2.931   9.970   1.00 22.82 ? 66  HOH B O     1 
HETATM 664 O  O     . HOH I 4 .  ? -13.337 2.817   11.779  1.00 16.62 ? 67  HOH B O     1 
HETATM 665 O  O     . HOH I 4 .  ? -10.389 -8.868  12.480  1.00 18.97 ? 68  HOH B O     1 
HETATM 666 O  O     . HOH I 4 .  ? -2.990  0.554   6.876   0.82 31.80 ? 69  HOH B O     1 
HETATM 667 O  O     . HOH I 4 .  ? -0.853  2.163   3.656   0.96 35.14 ? 70  HOH B O     1 
HETATM 668 O  O     . HOH I 4 .  ? 3.332   -3.077  -0.273  0.97 28.49 ? 71  HOH B O     1 
HETATM 669 O  O     . HOH I 4 .  ? -3.945  11.184  -1.362  0.99 18.79 ? 72  HOH B O     1 
HETATM 670 O  O     . HOH I 4 .  ? -13.082 -7.857  11.434  0.99 19.11 ? 73  HOH B O     1 
HETATM 671 O  O     . HOH I 4 .  ? -5.215  7.098   8.155   1.00 31.96 ? 74  HOH B O     1 
HETATM 672 O  O     . HOH I 4 .  ? -7.534  9.490   0.554   1.00 17.76 ? 75  HOH B O     1 
HETATM 673 O  O     . HOH I 4 .  ? 9.091   -8.757  -12.042 1.00 27.56 ? 76  HOH B O     1 
HETATM 674 O  O     . HOH I 4 .  ? 12.839  1.356   -1.468  1.00 20.63 ? 77  HOH B O     1 
HETATM 675 O  O     . HOH I 4 .  ? -2.008  7.111   6.963   1.00 29.94 ? 78  HOH B O     1 
HETATM 676 O  O     . HOH I 4 .  ? 8.724   -11.922 -2.049  0.94 26.95 ? 79  HOH B O     1 
HETATM 677 O  O     . HOH I 4 .  ? -14.442 -0.442  13.696  0.98 18.78 ? 80  HOH B O     1 
HETATM 678 O  O     . HOH I 4 .  ? 3.026   3.014   7.118   1.00 26.22 ? 81  HOH B O     1 
HETATM 679 O  O     . HOH I 4 .  ? -15.649 -1.303  4.451   1.00 20.93 ? 82  HOH B O     1 
HETATM 680 O  O     . HOH I 4 .  ? -20.047 0.265   5.180   0.93 26.95 ? 83  HOH B O     1 
HETATM 681 O  O     . HOH I 4 .  ? -12.147 9.542   10.275  1.00 23.67 ? 84  HOH B O     1 
HETATM 682 O  O     . HOH I 4 .  ? 5.381   -3.384  1.633   1.00 15.94 ? 85  HOH B O     1 
HETATM 683 O  O     . HOH I 4 .  ? 5.411   11.209  0.667   1.00 25.68 ? 86  HOH B O     1 
HETATM 684 O  O     . HOH I 4 .  ? -8.405  0.910   12.392  1.00 21.65 ? 87  HOH B O     1 
HETATM 685 O  O     . HOH I 4 .  ? -7.062  9.199   10.664  1.00 40.08 ? 88  HOH B O     1 
HETATM 686 O  O     . HOH I 4 .  ? -20.095 0.481   9.057   1.00 34.01 ? 89  HOH B O     1 
HETATM 687 O  O     . HOH I 4 .  ? 1.121   4.662   7.226   1.00 40.41 ? 90  HOH B O     1 
HETATM 688 O  O     . HOH I 4 .  ? 7.291   -7.678  3.431   1.00 21.02 ? 91  HOH B O     1 
HETATM 689 O  O     . HOH I 4 .  ? -9.251  11.294  1.366   1.00 24.24 ? 92  HOH B O     1 
HETATM 690 O  O     . HOH I 4 .  ? -13.868 -1.329  2.535   0.95 27.81 ? 93  HOH B O     1 
HETATM 691 O  O     . HOH I 4 .  ? -9.426  -9.855  10.264  0.89 20.87 ? 94  HOH B O     1 
HETATM 692 O  O     . HOH I 4 .  ? 1.037   -6.863  -5.472  1.00 35.05 ? 95  HOH B O     1 
HETATM 693 O  O     . HOH I 4 .  ? 6.547   -11.434 -12.284 0.96 32.44 ? 96  HOH B O     1 
HETATM 694 O  O     . HOH I 4 .  ? -18.900 3.218   6.607   1.00 36.53 ? 97  HOH B O     1 
HETATM 695 O  O     . HOH I 4 .  ? -22.130 -0.773  7.957   0.85 28.85 ? 98  HOH B O     1 
HETATM 696 O  O     . HOH I 4 .  ? 12.683  -9.127  -9.308  0.97 23.37 ? 99  HOH B O     1 
HETATM 697 O  O     . HOH I 4 .  ? -15.072 -6.087  19.434  0.93 32.25 ? 100 HOH B O     1 
HETATM 698 O  O     . HOH I 4 .  ? 10.321  3.917   8.002   0.91 38.02 ? 101 HOH B O     1 
HETATM 699 O  O     . HOH I 4 .  ? 5.953   -0.729  2.243   1.00 16.92 ? 102 HOH B O     1 
HETATM 700 O  O     . HOH I 4 .  ? 5.744   0.839   6.024   1.00 15.94 ? 103 HOH B O     1 
# 
